data_9DX6
#
_entry.id   9DX6
#
_cell.length_a   187.237
_cell.length_b   54.461
_cell.length_c   104.130
_cell.angle_alpha   90.00
_cell.angle_beta   97.20
_cell.angle_gamma   90.00
#
_symmetry.space_group_name_H-M   'C 1 2 1'
#
loop_
_entity.id
_entity.type
_entity.pdbx_description
1 polymer 'Apical merozoite protein 1'
2 polymer '826827 Fab Heavy chain'
3 polymer '826827 Fab Light chain'
4 water water
#
loop_
_entity_poly.entity_id
_entity_poly.type
_entity_poly.pdbx_seq_one_letter_code
_entity_poly.pdbx_strand_id
1 'polypeptide(L)'
;HHHHHHGRNQKPSRLTRSANNVLLEKGPTVERSTRMSNPWKAFMEKYDIERTHSSGVRVDLGEDAEVENAKYRIPAGRCP
VFGKGIVIENSAVSFLKPVATGDQRLKDGGFAFPNANDHISPMTLENLKARYKDNVEMMKLNDIALCRTHAASFVMAGDQ
NSNYRHPAVYDEKEKTCHMLYLSAQENMGPRYCSPDAQNRDAVFCFKPDKDESFENLVYLSKNVRNDWDKKCPRKNLGNA
KFGLWVDGNCEEIPYVKEVEAKDLRECNRIVFEASASDQPTQYEEEMTDYQKIQQGFRQNNREMIKSAFLPVGAFNSDNF
KSKGRGFNWANFDSVKKKCYIFNTKPTCLINDKNFIATTALSHPREVDLEFPCSIYKDEIEREIKKQSRNMNLYSVDGER
IVLPRIFISNDKESIKCPCEPEHISQSTCNFYVCNCVEKRAEIKENNQVVIKEEFRDYYENGEEKSNKQGS
;
A
2 'polypeptide(L)'
;QLQLQESGPGLVKPSETLSLTCTVSGGSVSSPGYYWSWIRQPPGQGLEWIGDIYYRGSSNQNPSLKSRVTTSVDTATNQF
SLRLSSVTAADTAVYFCARSRGEGYCSFGTCYTLFYYFDYWGQGTLVTVSSASTKGPSVFPLAPSSKSTSGGTAALGCLV
KDYFPEPVTVSWNSGALTSGVHTFPAVLQSSGLYSLSSVVTVPSSSLGTQTYICNVNHKPSNTKVDKRVEPKSC
;
B
3 'polypeptide(L)'
;EIVMTQSPATLSLSPGERATLSCRASQSISKTLAWYQQKPGQAPRLLIYSASTRASGVPARFSGSGSGTEFSLTISSLQS
EDFAVYYCQQYNEWPPRPTFGGGTKVEIKRTVAAPSVFIFPPSDEQLKSGTASVVCLLNNFYPREAKVQWKVDNALQSGN
SQESVTEQDSKDSTYSLSSTLTLSKADYEKHKVYACEVTHQGLSSPVTKSFNRGEC
;
C
#
# COMPACT_ATOMS: atom_id res chain seq x y z
N GLU A 31 29.79 19.57 -63.78
CA GLU A 31 29.93 18.12 -63.71
C GLU A 31 29.47 17.58 -62.37
N ARG A 32 29.72 16.29 -62.14
CA ARG A 32 29.32 15.65 -60.91
C ARG A 32 30.10 16.23 -59.73
N SER A 33 29.40 16.44 -58.62
CA SER A 33 30.08 16.72 -57.37
C SER A 33 30.96 15.53 -56.98
N THR A 34 32.03 15.83 -56.26
CA THR A 34 32.82 14.80 -55.61
C THR A 34 32.42 14.60 -54.16
N ARG A 35 31.61 15.50 -53.62
CA ARG A 35 31.08 15.37 -52.27
C ARG A 35 29.94 14.37 -52.24
N MET A 36 29.90 13.59 -51.18
CA MET A 36 28.79 12.67 -50.95
C MET A 36 27.59 13.41 -50.38
N SER A 37 26.39 12.95 -50.74
CA SER A 37 25.17 13.59 -50.27
C SER A 37 24.12 12.53 -50.00
N ASN A 38 23.47 12.62 -48.85
CA ASN A 38 22.34 11.77 -48.50
C ASN A 38 21.13 12.64 -48.27
N PRO A 39 20.19 12.71 -49.22
CA PRO A 39 18.96 13.48 -49.00
C PRO A 39 18.06 12.91 -47.92
N TRP A 40 18.35 11.73 -47.40
CA TRP A 40 17.53 11.08 -46.38
C TRP A 40 17.97 11.40 -44.95
N LYS A 41 19.05 12.17 -44.77
CA LYS A 41 19.70 12.27 -43.47
C LYS A 41 18.73 12.72 -42.38
N ALA A 42 18.03 13.83 -42.60
CA ALA A 42 17.08 14.31 -41.60
C ALA A 42 15.93 13.34 -41.43
N PHE A 43 15.30 12.97 -42.55
CA PHE A 43 14.16 12.05 -42.54
C PHE A 43 14.47 10.78 -41.76
N MET A 44 15.67 10.23 -41.94
CA MET A 44 16.04 8.95 -41.35
C MET A 44 16.54 9.05 -39.92
N GLU A 45 16.60 10.25 -39.35
CA GLU A 45 17.17 10.40 -38.01
C GLU A 45 16.34 9.65 -36.97
N LYS A 46 15.01 9.66 -37.12
CA LYS A 46 14.15 9.06 -36.11
C LYS A 46 14.20 7.53 -36.12
N TYR A 47 14.76 6.92 -37.15
CA TYR A 47 14.90 5.48 -37.19
C TYR A 47 16.28 5.02 -36.74
N ASP A 48 17.14 5.95 -36.33
CA ASP A 48 18.42 5.65 -35.69
C ASP A 48 18.16 5.44 -34.21
N ILE A 49 17.64 4.25 -33.88
CA ILE A 49 17.15 3.97 -32.54
C ILE A 49 18.28 4.05 -31.51
N GLU A 50 19.50 3.67 -31.89
CA GLU A 50 20.64 3.79 -30.98
C GLU A 50 20.84 5.25 -30.56
N ARG A 51 20.72 6.19 -31.50
CA ARG A 51 20.96 7.58 -31.18
C ARG A 51 19.72 8.30 -30.67
N THR A 52 18.53 7.95 -31.15
CA THR A 52 17.33 8.69 -30.76
C THR A 52 16.65 8.09 -29.53
N HIS A 53 16.65 6.76 -29.40
CA HIS A 53 16.03 6.09 -28.28
C HIS A 53 17.04 5.78 -27.18
N SER A 54 18.16 5.15 -27.55
CA SER A 54 19.36 4.99 -26.71
C SER A 54 19.15 4.05 -25.52
N SER A 55 18.17 3.16 -25.57
CA SER A 55 17.97 2.20 -24.49
C SER A 55 17.24 0.99 -25.07
N GLY A 56 17.03 -0.01 -24.21
CA GLY A 56 16.31 -1.20 -24.63
C GLY A 56 14.91 -0.88 -25.10
N VAL A 57 14.41 -1.71 -26.02
CA VAL A 57 13.07 -1.55 -26.55
C VAL A 57 12.17 -2.61 -25.93
N ARG A 58 12.47 -3.89 -26.18
CA ARG A 58 11.66 -4.96 -25.61
C ARG A 58 11.68 -4.90 -24.09
N VAL A 59 12.88 -4.88 -23.50
CA VAL A 59 13.06 -4.59 -22.09
C VAL A 59 13.89 -3.33 -22.00
N ASP A 60 13.34 -2.31 -21.34
CA ASP A 60 14.01 -1.03 -21.15
C ASP A 60 14.38 -0.91 -19.69
N LEU A 61 15.67 -1.06 -19.39
CA LEU A 61 16.20 -0.88 -18.04
C LEU A 61 17.58 -0.22 -18.13
N GLY A 62 17.65 0.87 -18.89
CA GLY A 62 18.91 1.48 -19.26
C GLY A 62 19.50 2.49 -18.29
N GLU A 63 18.83 2.77 -17.18
CA GLU A 63 19.35 3.70 -16.20
C GLU A 63 19.34 3.07 -14.82
N ASP A 64 20.31 3.47 -14.00
CA ASP A 64 20.41 3.03 -12.63
C ASP A 64 19.93 4.13 -11.70
N ALA A 65 19.41 3.72 -10.54
CA ALA A 65 18.90 4.67 -9.56
C ALA A 65 19.06 4.06 -8.18
N GLU A 66 19.49 4.88 -7.23
CA GLU A 66 19.53 4.49 -5.83
C GLU A 66 18.41 5.21 -5.08
N VAL A 67 17.68 4.46 -4.27
CA VAL A 67 16.61 5.00 -3.46
C VAL A 67 16.80 4.44 -2.05
N GLU A 68 17.18 5.30 -1.11
CA GLU A 68 17.38 4.91 0.29
C GLU A 68 18.32 3.73 0.39
N ASN A 69 19.46 3.83 -0.30
CA ASN A 69 20.58 2.89 -0.26
C ASN A 69 20.26 1.55 -0.91
N ALA A 70 19.15 1.45 -1.64
CA ALA A 70 18.86 0.27 -2.46
C ALA A 70 19.03 0.64 -3.93
N LYS A 71 19.44 -0.34 -4.73
CA LYS A 71 19.76 -0.12 -6.13
C LYS A 71 18.62 -0.60 -7.02
N TYR A 72 18.22 0.25 -7.97
CA TYR A 72 17.15 -0.06 -8.89
C TYR A 72 17.62 0.15 -10.32
N ARG A 73 16.95 -0.53 -11.24
CA ARG A 73 17.10 -0.30 -12.68
C ARG A 73 15.74 0.13 -13.22
N ILE A 74 15.76 1.16 -14.07
CA ILE A 74 14.51 1.78 -14.51
C ILE A 74 14.61 2.11 -15.99
N PRO A 75 13.46 2.16 -16.66
CA PRO A 75 13.46 2.46 -18.11
C PRO A 75 13.95 3.86 -18.38
N ALA A 76 14.65 4.01 -19.51
CA ALA A 76 15.29 5.28 -19.84
C ALA A 76 15.25 5.63 -21.32
N GLY A 77 14.64 4.80 -22.17
CA GLY A 77 14.58 5.13 -23.59
C GLY A 77 13.84 6.43 -23.84
N ARG A 78 14.33 7.20 -24.81
CA ARG A 78 13.79 8.52 -25.08
C ARG A 78 12.62 8.51 -26.07
N CYS A 79 12.29 7.37 -26.62
CA CYS A 79 11.16 7.28 -27.53
C CYS A 79 10.05 6.42 -26.92
N PRO A 80 8.80 6.68 -27.27
CA PRO A 80 7.72 5.82 -26.80
C PRO A 80 7.68 4.52 -27.58
N VAL A 81 7.09 3.50 -26.97
CA VAL A 81 6.97 2.19 -27.59
C VAL A 81 5.48 1.91 -27.75
N PHE A 82 4.97 2.09 -28.97
CA PHE A 82 3.56 1.92 -29.22
C PHE A 82 3.18 0.45 -29.24
N GLY A 83 2.14 0.10 -28.50
CA GLY A 83 1.62 -1.25 -28.51
C GLY A 83 2.29 -2.22 -27.57
N LYS A 84 3.14 -1.75 -26.67
CA LYS A 84 3.81 -2.63 -25.71
C LYS A 84 3.03 -2.69 -24.40
N GLY A 85 2.90 -3.90 -23.88
CA GLY A 85 2.43 -4.08 -22.53
C GLY A 85 3.15 -5.24 -21.90
N ILE A 86 2.71 -5.66 -20.72
CA ILE A 86 3.27 -6.83 -20.06
C ILE A 86 2.19 -7.90 -19.99
N VAL A 87 2.45 -9.04 -20.61
CA VAL A 87 1.57 -10.20 -20.52
C VAL A 87 1.98 -10.98 -19.28
N ILE A 88 1.04 -11.20 -18.37
CA ILE A 88 1.23 -12.08 -17.23
C ILE A 88 0.71 -13.46 -17.61
N GLU A 89 1.60 -14.44 -17.66
CA GLU A 89 1.19 -15.78 -18.05
C GLU A 89 0.31 -16.39 -16.98
N ASN A 90 -0.60 -17.27 -17.41
CA ASN A 90 -1.53 -17.94 -16.51
C ASN A 90 -2.33 -16.94 -15.69
N SER A 91 -2.69 -15.82 -16.32
CA SER A 91 -3.47 -14.80 -15.65
C SER A 91 -4.29 -14.03 -16.68
N ALA A 92 -5.55 -13.80 -16.37
CA ALA A 92 -6.42 -12.93 -17.16
C ALA A 92 -6.37 -11.48 -16.71
N VAL A 93 -5.64 -11.17 -15.65
CA VAL A 93 -5.61 -9.82 -15.11
C VAL A 93 -4.71 -8.95 -15.97
N SER A 94 -5.18 -7.75 -16.29
CA SER A 94 -4.40 -6.80 -17.07
C SER A 94 -3.28 -6.21 -16.23
N PHE A 95 -2.10 -6.08 -16.84
CA PHE A 95 -0.95 -5.49 -16.16
C PHE A 95 -1.17 -4.02 -15.79
N LEU A 96 -2.24 -3.40 -16.29
CA LEU A 96 -2.59 -2.04 -15.88
C LEU A 96 -3.43 -2.02 -14.60
N LYS A 97 -3.87 -3.18 -14.10
CA LYS A 97 -4.47 -3.22 -12.77
C LYS A 97 -3.41 -2.91 -11.73
N PRO A 98 -3.79 -2.29 -10.61
CA PRO A 98 -2.80 -1.96 -9.58
C PRO A 98 -2.13 -3.20 -9.03
N VAL A 99 -0.91 -3.02 -8.50
CA VAL A 99 -0.21 -4.13 -7.87
C VAL A 99 -1.09 -4.71 -6.76
N ALA A 100 -0.99 -6.03 -6.56
CA ALA A 100 -1.81 -6.73 -5.58
C ALA A 100 -1.00 -6.88 -4.29
N THR A 101 -1.41 -6.16 -3.25
CA THR A 101 -0.79 -6.26 -1.94
C THR A 101 -1.84 -6.72 -0.92
N GLY A 102 -1.38 -6.96 0.30
CA GLY A 102 -2.27 -7.41 1.35
C GLY A 102 -2.61 -8.89 1.27
N ASP A 103 -3.87 -9.23 1.52
CA ASP A 103 -4.31 -10.62 1.58
C ASP A 103 -4.77 -11.17 0.24
N GLN A 104 -4.11 -10.81 -0.86
CA GLN A 104 -4.38 -11.40 -2.16
C GLN A 104 -3.06 -11.89 -2.74
N ARG A 105 -3.15 -12.78 -3.71
CA ARG A 105 -1.95 -13.29 -4.33
C ARG A 105 -1.45 -12.33 -5.40
N LEU A 106 -0.15 -12.44 -5.71
CA LEU A 106 0.47 -11.51 -6.65
C LEU A 106 -0.25 -11.53 -7.99
N LYS A 107 -0.66 -12.72 -8.44
CA LYS A 107 -1.28 -12.86 -9.75
C LYS A 107 -2.65 -12.17 -9.85
N ASP A 108 -3.25 -11.78 -8.73
CA ASP A 108 -4.53 -11.08 -8.75
C ASP A 108 -4.42 -9.63 -9.18
N GLY A 109 -3.21 -9.09 -9.34
CA GLY A 109 -3.06 -7.71 -9.71
C GLY A 109 -2.11 -7.51 -10.88
N GLY A 110 -1.78 -6.26 -11.17
CA GLY A 110 -0.86 -5.97 -12.26
C GLY A 110 0.37 -5.23 -11.81
N PHE A 111 0.80 -4.25 -12.60
CA PHE A 111 2.04 -3.52 -12.36
C PHE A 111 1.81 -2.06 -12.00
N ALA A 112 0.57 -1.59 -12.02
CA ALA A 112 0.29 -0.17 -11.92
C ALA A 112 0.30 0.31 -10.48
N PHE A 113 0.44 1.62 -10.31
CA PHE A 113 0.28 2.24 -9.01
C PHE A 113 -1.06 1.82 -8.40
N PRO A 114 -1.11 1.53 -7.10
CA PRO A 114 -2.41 1.43 -6.43
C PRO A 114 -3.20 2.71 -6.65
N ASN A 115 -4.48 2.57 -6.96
CA ASN A 115 -5.29 3.71 -7.35
C ASN A 115 -5.91 4.40 -6.14
N ALA A 116 -5.10 4.67 -5.11
CA ALA A 116 -5.63 5.22 -3.87
C ALA A 116 -5.82 6.73 -3.92
N ASN A 117 -5.12 7.42 -4.80
CA ASN A 117 -5.11 8.88 -4.83
C ASN A 117 -5.38 9.35 -6.24
N ASP A 118 -6.52 10.03 -6.44
CA ASP A 118 -6.92 10.54 -7.74
C ASP A 118 -5.92 11.51 -8.34
N HIS A 119 -5.06 12.12 -7.53
CA HIS A 119 -4.07 13.06 -8.04
C HIS A 119 -2.82 12.39 -8.57
N ILE A 120 -2.64 11.09 -8.34
CA ILE A 120 -1.43 10.41 -8.76
C ILE A 120 -1.72 9.52 -9.97
N SER A 121 -2.36 8.38 -9.74
CA SER A 121 -2.57 7.40 -10.78
C SER A 121 -3.86 6.64 -10.51
N PRO A 122 -4.60 6.26 -11.55
CA PRO A 122 -4.44 6.70 -12.95
C PRO A 122 -5.13 8.03 -13.16
N MET A 123 -4.88 8.74 -14.27
CA MET A 123 -5.52 10.02 -14.50
C MET A 123 -5.97 10.10 -15.96
N THR A 124 -7.20 10.58 -16.17
CA THR A 124 -7.68 10.77 -17.53
C THR A 124 -7.05 12.02 -18.12
N LEU A 125 -7.04 12.08 -19.46
CA LEU A 125 -6.58 13.29 -20.15
C LEU A 125 -7.31 14.52 -19.65
N GLU A 126 -8.63 14.42 -19.47
CA GLU A 126 -9.42 15.55 -19.02
C GLU A 126 -8.94 16.07 -17.66
N ASN A 127 -8.66 15.16 -16.73
CA ASN A 127 -8.17 15.59 -15.43
C ASN A 127 -6.73 16.07 -15.48
N LEU A 128 -5.90 15.41 -16.30
CA LEU A 128 -4.56 15.93 -16.59
C LEU A 128 -4.63 17.37 -17.08
N LYS A 129 -5.53 17.64 -18.02
CA LYS A 129 -5.66 19.00 -18.56
C LYS A 129 -6.10 19.98 -17.48
N ALA A 130 -7.08 19.61 -16.66
CA ALA A 130 -7.54 20.50 -15.59
C ALA A 130 -6.41 20.74 -14.59
N ARG A 131 -5.75 19.66 -14.15
CA ARG A 131 -4.72 19.77 -13.12
C ARG A 131 -3.63 20.76 -13.51
N TYR A 132 -3.24 20.77 -14.77
CA TYR A 132 -2.17 21.66 -15.23
C TYR A 132 -2.70 22.77 -16.13
N LYS A 133 -3.97 23.15 -15.98
CA LYS A 133 -4.54 24.17 -16.86
C LYS A 133 -3.80 25.49 -16.74
N ASP A 134 -3.20 25.76 -15.58
CA ASP A 134 -2.56 27.04 -15.33
C ASP A 134 -1.07 27.05 -15.66
N ASN A 135 -0.54 25.97 -16.24
CA ASN A 135 0.86 25.91 -16.64
C ASN A 135 0.93 26.00 -18.17
N VAL A 136 1.55 27.06 -18.67
CA VAL A 136 1.54 27.33 -20.10
C VAL A 136 2.38 26.30 -20.86
N GLU A 137 3.52 25.91 -20.29
CA GLU A 137 4.36 24.91 -20.95
C GLU A 137 3.69 23.55 -20.95
N MET A 138 3.14 23.14 -19.80
CA MET A 138 2.39 21.89 -19.75
C MET A 138 1.29 21.85 -20.80
N MET A 139 0.56 22.95 -20.96
CA MET A 139 -0.55 23.00 -21.92
C MET A 139 -0.10 22.98 -23.37
N LYS A 140 1.20 23.15 -23.64
CA LYS A 140 1.72 23.04 -25.00
C LYS A 140 2.09 21.60 -25.36
N LEU A 141 2.05 20.68 -24.40
CA LEU A 141 2.45 19.30 -24.67
C LEU A 141 1.32 18.53 -25.33
N ASN A 142 1.69 17.59 -26.19
CA ASN A 142 0.70 16.66 -26.72
C ASN A 142 0.30 15.67 -25.62
N ASP A 143 -0.80 14.95 -25.88
CA ASP A 143 -1.41 14.12 -24.83
C ASP A 143 -0.40 13.13 -24.25
N ILE A 144 0.35 12.45 -25.12
CA ILE A 144 1.30 11.44 -24.66
C ILE A 144 2.38 12.09 -23.79
N ALA A 145 2.93 13.21 -24.26
CA ALA A 145 3.97 13.90 -23.50
C ALA A 145 3.42 14.48 -22.21
N LEU A 146 2.15 14.87 -22.20
CA LEU A 146 1.55 15.35 -20.96
C LEU A 146 1.47 14.22 -19.93
N CYS A 147 1.06 13.02 -20.35
CA CYS A 147 1.02 11.90 -19.43
C CYS A 147 2.41 11.53 -18.93
N ARG A 148 3.39 11.46 -19.84
CA ARG A 148 4.75 11.17 -19.44
C ARG A 148 5.25 12.18 -18.42
N THR A 149 5.02 13.48 -18.70
CA THR A 149 5.52 14.53 -17.82
C THR A 149 4.84 14.46 -16.45
N HIS A 150 3.54 14.14 -16.43
CA HIS A 150 2.86 13.98 -15.15
C HIS A 150 3.45 12.83 -14.35
N ALA A 151 3.55 11.66 -14.99
CA ALA A 151 4.09 10.47 -14.32
C ALA A 151 5.53 10.68 -13.88
N ALA A 152 6.37 11.20 -14.77
CA ALA A 152 7.79 11.30 -14.48
C ALA A 152 8.12 12.42 -13.50
N SER A 153 7.23 13.39 -13.31
CA SER A 153 7.52 14.52 -12.43
C SER A 153 7.40 14.15 -10.97
N PHE A 154 6.77 13.02 -10.65
CA PHE A 154 6.53 12.66 -9.25
C PHE A 154 7.84 12.19 -8.62
N VAL A 155 8.20 12.84 -7.53
CA VAL A 155 9.28 12.42 -6.65
C VAL A 155 8.66 11.75 -5.43
N MET A 156 9.32 10.72 -4.92
CA MET A 156 8.90 10.14 -3.65
C MET A 156 9.43 10.99 -2.50
N ALA A 157 8.59 11.21 -1.49
CA ALA A 157 8.90 12.15 -0.42
C ALA A 157 10.24 11.87 0.23
N GLY A 158 10.73 10.63 0.14
CA GLY A 158 12.01 10.25 0.72
C GLY A 158 13.17 10.10 -0.24
N ASP A 159 13.01 10.47 -1.52
CA ASP A 159 14.11 10.36 -2.47
C ASP A 159 14.29 11.63 -3.29
N GLN A 160 13.98 12.79 -2.70
CA GLN A 160 13.92 14.03 -3.47
C GLN A 160 15.18 14.31 -4.28
N ASN A 161 16.28 13.60 -4.01
CA ASN A 161 17.51 13.74 -4.77
C ASN A 161 17.80 12.51 -5.64
N SER A 162 16.81 11.65 -5.88
CA SER A 162 17.04 10.39 -6.58
C SER A 162 16.77 10.50 -8.07
N ASN A 163 17.44 9.65 -8.83
CA ASN A 163 17.22 9.52 -10.26
C ASN A 163 16.02 8.64 -10.60
N TYR A 164 15.41 8.02 -9.59
CA TYR A 164 14.30 7.10 -9.82
C TYR A 164 13.04 7.89 -10.15
N ARG A 165 12.51 7.67 -11.35
CA ARG A 165 11.20 8.20 -11.76
C ARG A 165 10.45 7.09 -12.48
N HIS A 166 9.14 7.07 -12.31
CA HIS A 166 8.39 5.90 -12.75
C HIS A 166 8.06 5.99 -14.24
N PRO A 167 8.08 4.86 -14.94
CA PRO A 167 7.53 4.83 -16.29
C PRO A 167 6.01 4.83 -16.27
N ALA A 168 5.42 5.11 -17.43
CA ALA A 168 3.98 5.24 -17.54
C ALA A 168 3.49 4.53 -18.80
N VAL A 169 2.20 4.19 -18.77
CA VAL A 169 1.49 3.69 -19.93
C VAL A 169 0.32 4.63 -20.18
N TYR A 170 0.31 5.25 -21.36
CA TYR A 170 -0.80 6.08 -21.77
C TYR A 170 -1.71 5.28 -22.70
N ASP A 171 -2.99 5.22 -22.36
CA ASP A 171 -3.99 4.48 -23.12
C ASP A 171 -4.67 5.46 -24.07
N GLU A 172 -4.36 5.35 -25.37
CA GLU A 172 -4.88 6.32 -26.32
C GLU A 172 -6.37 6.15 -26.57
N LYS A 173 -6.90 4.92 -26.43
CA LYS A 173 -8.33 4.73 -26.60
C LYS A 173 -9.10 5.28 -25.42
N GLU A 174 -8.66 4.95 -24.20
CA GLU A 174 -9.32 5.41 -22.99
C GLU A 174 -8.83 6.78 -22.52
N LYS A 175 -7.83 7.36 -23.19
CA LYS A 175 -7.28 8.66 -22.82
C LYS A 175 -6.90 8.69 -21.34
N THR A 176 -6.17 7.66 -20.90
CA THR A 176 -5.87 7.48 -19.49
C THR A 176 -4.40 7.16 -19.30
N CYS A 177 -3.82 7.79 -18.28
CA CYS A 177 -2.40 7.71 -17.96
C CYS A 177 -2.23 6.84 -16.73
N HIS A 178 -1.52 5.72 -16.87
CA HIS A 178 -1.27 4.80 -15.78
C HIS A 178 0.19 4.86 -15.38
N MET A 179 0.44 5.04 -14.09
CA MET A 179 1.80 4.98 -13.58
C MET A 179 2.12 3.54 -13.15
N LEU A 180 3.32 3.10 -13.46
CA LEU A 180 3.75 1.74 -13.13
C LEU A 180 4.50 1.76 -11.81
N TYR A 181 4.02 0.98 -10.84
CA TYR A 181 4.60 0.99 -9.51
C TYR A 181 5.95 0.28 -9.47
N LEU A 182 6.16 -0.74 -10.29
CA LEU A 182 7.44 -1.42 -10.37
C LEU A 182 7.90 -1.44 -11.82
N SER A 183 9.22 -1.50 -12.00
CA SER A 183 9.83 -1.31 -13.30
C SER A 183 10.12 -2.61 -14.04
N ALA A 184 10.05 -3.75 -13.36
CA ALA A 184 10.33 -5.03 -14.00
C ALA A 184 9.45 -5.22 -15.23
N GLN A 185 10.02 -5.80 -16.28
CA GLN A 185 9.28 -6.10 -17.50
C GLN A 185 9.26 -7.56 -17.87
N GLU A 186 10.18 -8.37 -17.36
CA GLU A 186 10.22 -9.78 -17.74
C GLU A 186 10.65 -10.63 -16.56
N ASN A 187 9.87 -11.68 -16.30
CA ASN A 187 10.25 -12.77 -15.39
C ASN A 187 9.83 -14.06 -16.10
N MET A 188 10.72 -14.57 -16.95
CA MET A 188 10.49 -15.80 -17.70
C MET A 188 11.62 -16.81 -17.49
N GLY A 189 12.59 -16.51 -16.64
CA GLY A 189 13.80 -17.28 -16.53
C GLY A 189 13.77 -18.39 -15.50
N PRO A 190 13.51 -18.03 -14.22
CA PRO A 190 13.53 -19.03 -13.14
C PRO A 190 12.80 -20.32 -13.49
N ARG A 191 13.33 -21.45 -13.02
CA ARG A 191 12.75 -22.74 -13.36
C ARG A 191 11.27 -22.83 -12.99
N TYR A 192 10.81 -22.02 -12.03
CA TYR A 192 9.39 -22.00 -11.73
C TYR A 192 8.56 -21.33 -12.83
N CYS A 193 9.20 -20.65 -13.78
CA CYS A 193 8.50 -20.08 -14.91
C CYS A 193 8.43 -21.02 -16.11
N SER A 194 8.92 -22.25 -15.97
CA SER A 194 8.92 -23.25 -17.02
C SER A 194 7.91 -24.36 -16.71
N PRO A 195 7.20 -24.87 -17.73
CA PRO A 195 6.14 -25.89 -17.61
C PRO A 195 6.50 -27.06 -16.70
N ASP A 201 2.05 -21.68 -12.98
CA ASP A 201 0.60 -21.62 -13.07
C ASP A 201 0.01 -20.87 -11.88
N ALA A 202 0.68 -20.98 -10.73
CA ALA A 202 0.33 -20.20 -9.54
C ALA A 202 1.47 -19.25 -9.16
N VAL A 203 2.38 -18.99 -10.08
CA VAL A 203 3.53 -18.13 -9.86
C VAL A 203 3.45 -16.97 -10.85
N PHE A 204 4.04 -15.84 -10.46
CA PHE A 204 4.04 -14.63 -11.27
C PHE A 204 5.13 -14.71 -12.34
N CYS A 205 4.75 -15.11 -13.55
CA CYS A 205 5.64 -15.09 -14.70
C CYS A 205 5.07 -14.16 -15.75
N PHE A 206 5.92 -13.32 -16.34
CA PHE A 206 5.45 -12.30 -17.26
C PHE A 206 6.53 -11.95 -18.27
N LYS A 207 6.11 -11.31 -19.35
CA LYS A 207 7.01 -10.95 -20.45
C LYS A 207 6.46 -9.72 -21.15
N PRO A 208 7.34 -8.89 -21.72
CA PRO A 208 6.85 -7.84 -22.63
C PRO A 208 6.32 -8.43 -23.91
N ASP A 209 5.29 -7.80 -24.46
CA ASP A 209 4.69 -8.30 -25.69
C ASP A 209 3.83 -7.21 -26.31
N LYS A 210 3.52 -7.40 -27.59
CA LYS A 210 2.53 -6.59 -28.28
C LYS A 210 1.28 -7.44 -28.48
N ASP A 211 0.64 -7.78 -27.36
CA ASP A 211 -0.68 -8.40 -27.39
C ASP A 211 -1.67 -7.47 -28.07
N GLU A 212 -2.67 -8.05 -28.72
CA GLU A 212 -3.69 -7.24 -29.39
C GLU A 212 -4.43 -6.36 -28.39
N SER A 213 -4.53 -6.78 -27.12
CA SER A 213 -5.14 -5.93 -26.10
C SER A 213 -4.39 -4.63 -25.91
N PHE A 214 -3.08 -4.62 -26.21
CA PHE A 214 -2.22 -3.47 -25.96
C PHE A 214 -2.14 -2.52 -27.14
N GLU A 215 -2.97 -2.71 -28.16
CA GLU A 215 -2.76 -2.00 -29.43
C GLU A 215 -2.73 -0.49 -29.25
N ASN A 216 -3.57 0.06 -28.37
CA ASN A 216 -3.66 1.50 -28.19
C ASN A 216 -2.75 2.01 -27.08
N LEU A 217 -1.95 1.14 -26.46
CA LEU A 217 -1.12 1.53 -25.34
C LEU A 217 0.22 2.09 -25.81
N VAL A 218 0.74 3.05 -25.05
CA VAL A 218 2.03 3.68 -25.31
C VAL A 218 2.90 3.51 -24.08
N TYR A 219 4.02 2.79 -24.23
CA TYR A 219 4.92 2.55 -23.11
C TYR A 219 5.94 3.69 -23.04
N LEU A 220 6.01 4.34 -21.88
CA LEU A 220 6.70 5.62 -21.73
C LEU A 220 7.67 5.55 -20.56
N SER A 221 8.97 5.64 -20.84
CA SER A 221 9.93 5.78 -19.76
C SER A 221 9.92 7.22 -19.29
N LYS A 222 10.70 7.50 -18.24
CA LYS A 222 10.78 8.85 -17.70
C LYS A 222 11.44 9.84 -18.67
N ASN A 223 12.17 9.36 -19.68
CA ASN A 223 12.99 10.21 -20.53
C ASN A 223 12.39 10.48 -21.91
N VAL A 224 11.16 10.03 -22.17
CA VAL A 224 10.62 10.13 -23.52
C VAL A 224 10.51 11.59 -23.94
N ARG A 225 10.99 11.90 -25.14
CA ARG A 225 11.00 13.27 -25.63
C ARG A 225 9.59 13.80 -25.79
N ASN A 226 9.39 15.06 -25.38
CA ASN A 226 8.10 15.70 -25.60
C ASN A 226 7.81 15.89 -27.08
N ASP A 227 8.85 15.97 -27.91
CA ASP A 227 8.69 16.06 -29.36
C ASP A 227 8.90 14.72 -30.04
N TRP A 228 8.52 13.63 -29.37
CA TRP A 228 8.62 12.28 -29.93
C TRP A 228 7.97 12.18 -31.31
N ASP A 229 6.91 12.97 -31.56
CA ASP A 229 6.23 12.89 -32.84
C ASP A 229 7.14 13.33 -33.99
N LYS A 230 8.02 14.30 -33.74
CA LYS A 230 8.99 14.68 -34.76
C LYS A 230 10.22 13.79 -34.76
N LYS A 231 10.58 13.21 -33.62
CA LYS A 231 11.91 12.62 -33.44
C LYS A 231 11.93 11.11 -33.31
N CYS A 232 10.78 10.44 -33.22
CA CYS A 232 10.71 9.03 -32.89
C CYS A 232 9.82 8.31 -33.88
N PRO A 233 9.99 6.99 -34.02
CA PRO A 233 9.09 6.22 -34.88
C PRO A 233 7.69 6.13 -34.29
N ARG A 234 6.70 6.10 -35.18
CA ARG A 234 5.33 5.75 -34.77
C ARG A 234 4.63 4.99 -35.88
N LYS A 235 4.34 5.65 -36.99
CA LYS A 235 3.62 5.02 -38.08
C LYS A 235 4.56 4.18 -38.92
N ASN A 236 4.05 3.04 -39.40
CA ASN A 236 4.80 2.23 -40.35
C ASN A 236 4.74 2.87 -41.73
N LEU A 237 5.79 2.63 -42.52
CA LEU A 237 6.00 3.34 -43.78
C LEU A 237 5.56 2.47 -44.95
N GLY A 238 4.43 2.85 -45.57
CA GLY A 238 3.92 2.09 -46.69
C GLY A 238 4.66 2.39 -47.99
N ASN A 239 4.56 1.44 -48.92
CA ASN A 239 5.25 1.52 -50.21
C ASN A 239 6.74 1.80 -50.03
N ALA A 240 7.31 1.16 -49.01
CA ALA A 240 8.66 1.51 -48.57
C ALA A 240 9.29 0.32 -47.90
N LYS A 241 10.60 0.20 -48.05
CA LYS A 241 11.40 -0.72 -47.27
C LYS A 241 12.68 0.00 -46.87
N PHE A 242 13.22 -0.37 -45.72
CA PHE A 242 14.46 0.25 -45.26
C PHE A 242 15.61 -0.18 -46.15
N GLY A 243 16.52 0.75 -46.42
CA GLY A 243 17.69 0.46 -47.22
C GLY A 243 18.92 1.16 -46.66
N LEU A 244 20.03 0.96 -47.35
CA LEU A 244 21.29 1.63 -47.02
C LEU A 244 21.69 2.52 -48.19
N TRP A 245 21.97 3.78 -47.89
CA TRP A 245 22.39 4.75 -48.90
C TRP A 245 23.84 4.49 -49.27
N VAL A 246 24.08 4.21 -50.55
CA VAL A 246 25.42 3.89 -51.05
C VAL A 246 25.68 4.83 -52.23
N ASP A 247 26.29 5.98 -51.95
CA ASP A 247 26.76 6.92 -52.96
C ASP A 247 25.70 7.19 -54.04
N GLY A 248 24.62 7.81 -53.59
CA GLY A 248 23.62 8.34 -54.52
C GLY A 248 22.45 7.43 -54.85
N ASN A 249 22.31 6.30 -54.17
CA ASN A 249 21.14 5.45 -54.37
C ASN A 249 20.91 4.60 -53.14
N CYS A 250 19.63 4.32 -52.87
CA CYS A 250 19.23 3.48 -51.74
C CYS A 250 19.27 2.01 -52.16
N GLU A 251 19.97 1.20 -51.37
CA GLU A 251 20.26 -0.17 -51.75
C GLU A 251 19.75 -1.14 -50.69
N GLU A 252 19.56 -2.39 -51.12
CA GLU A 252 19.06 -3.42 -50.22
C GLU A 252 20.05 -3.69 -49.09
N ILE A 253 19.53 -4.04 -47.93
CA ILE A 253 20.34 -4.46 -46.80
C ILE A 253 20.74 -5.91 -47.03
N PRO A 254 22.02 -6.21 -47.26
CA PRO A 254 22.38 -7.58 -47.66
C PRO A 254 22.17 -8.63 -46.57
N TYR A 255 22.49 -8.31 -45.32
CA TYR A 255 22.39 -9.26 -44.21
C TYR A 255 21.09 -9.01 -43.47
N VAL A 256 20.10 -9.88 -43.68
CA VAL A 256 18.80 -9.81 -42.99
C VAL A 256 18.39 -11.23 -42.62
N LYS A 257 17.48 -11.32 -41.65
CA LYS A 257 16.91 -12.59 -41.21
C LYS A 257 15.45 -12.65 -41.63
N GLU A 258 15.08 -13.69 -42.38
CA GLU A 258 13.73 -13.83 -42.90
C GLU A 258 12.87 -14.63 -41.93
N VAL A 259 11.67 -14.14 -41.65
CA VAL A 259 10.72 -14.80 -40.78
C VAL A 259 9.35 -14.73 -41.43
N GLU A 260 8.58 -15.83 -41.32
CA GLU A 260 7.21 -15.81 -41.78
C GLU A 260 6.41 -14.81 -40.96
N ALA A 261 5.52 -14.08 -41.63
CA ALA A 261 4.62 -13.15 -40.94
C ALA A 261 3.37 -12.97 -41.80
N LYS A 262 2.20 -13.21 -41.21
CA LYS A 262 0.97 -13.17 -41.98
C LYS A 262 0.57 -11.73 -42.34
N ASP A 263 0.91 -10.75 -41.51
CA ASP A 263 0.52 -9.38 -41.76
C ASP A 263 1.53 -8.45 -41.08
N LEU A 264 1.29 -7.14 -41.23
CA LEU A 264 2.18 -6.14 -40.65
C LEU A 264 2.24 -6.28 -39.13
N ARG A 265 1.08 -6.48 -38.49
CA ARG A 265 1.04 -6.65 -37.04
C ARG A 265 1.98 -7.76 -36.58
N GLU A 266 1.93 -8.91 -37.24
CA GLU A 266 2.79 -10.02 -36.85
C GLU A 266 4.26 -9.68 -37.08
N CYS A 267 4.57 -9.02 -38.20
CA CYS A 267 5.94 -8.59 -38.45
C CYS A 267 6.41 -7.59 -37.39
N ASN A 268 5.54 -6.65 -37.02
CA ASN A 268 5.89 -5.68 -36.00
C ASN A 268 6.09 -6.35 -34.65
N ARG A 269 5.31 -7.41 -34.37
CA ARG A 269 5.49 -8.14 -33.11
C ARG A 269 6.77 -8.96 -33.13
N ILE A 270 7.09 -9.58 -34.27
CA ILE A 270 8.31 -10.38 -34.37
C ILE A 270 9.53 -9.52 -34.11
N VAL A 271 9.61 -8.36 -34.75
CA VAL A 271 10.77 -7.51 -34.58
C VAL A 271 10.80 -6.88 -33.19
N PHE A 272 9.63 -6.76 -32.53
CA PHE A 272 9.63 -6.34 -31.14
C PHE A 272 10.21 -7.44 -30.25
N GLU A 273 9.92 -8.70 -30.55
CA GLU A 273 10.47 -9.79 -29.76
C GLU A 273 11.98 -9.88 -29.93
N ALA A 274 12.51 -9.46 -31.07
CA ALA A 274 13.93 -9.53 -31.35
C ALA A 274 14.69 -8.25 -31.04
N SER A 275 14.01 -7.20 -30.58
CA SER A 275 14.60 -5.87 -30.52
C SER A 275 15.61 -5.75 -29.39
N ALA A 276 16.23 -4.58 -29.29
CA ALA A 276 17.18 -4.28 -28.24
C ALA A 276 16.57 -4.54 -26.87
N SER A 277 17.34 -5.20 -26.00
CA SER A 277 16.85 -5.56 -24.68
C SER A 277 17.92 -5.29 -23.64
N ASP A 278 17.50 -4.80 -22.47
CA ASP A 278 18.38 -4.59 -21.34
C ASP A 278 18.26 -5.68 -20.28
N GLN A 279 17.50 -6.73 -20.55
CA GLN A 279 17.23 -7.74 -19.53
C GLN A 279 18.48 -8.54 -19.21
N PRO A 280 18.83 -8.72 -17.93
CA PRO A 280 20.03 -9.44 -17.49
C PRO A 280 20.03 -10.92 -17.89
N ASP A 289 14.29 -15.31 -4.05
CA ASP A 289 13.26 -16.33 -3.82
C ASP A 289 11.86 -15.77 -4.08
N TYR A 290 11.04 -16.54 -4.79
CA TYR A 290 9.69 -16.10 -5.09
C TYR A 290 8.86 -15.93 -3.82
N GLN A 291 9.06 -16.82 -2.85
CA GLN A 291 8.27 -16.75 -1.62
C GLN A 291 8.57 -15.47 -0.84
N LYS A 292 9.83 -15.05 -0.81
CA LYS A 292 10.16 -13.77 -0.18
C LYS A 292 9.58 -12.60 -0.96
N ILE A 293 9.53 -12.72 -2.30
CA ILE A 293 8.89 -11.68 -3.10
C ILE A 293 7.40 -11.62 -2.79
N GLN A 294 6.75 -12.78 -2.69
CA GLN A 294 5.32 -12.78 -2.37
C GLN A 294 5.05 -12.25 -0.97
N GLN A 295 5.97 -12.46 -0.03
CA GLN A 295 5.77 -11.91 1.31
C GLN A 295 5.87 -10.40 1.30
N GLY A 296 6.78 -9.86 0.48
CA GLY A 296 6.88 -8.41 0.36
C GLY A 296 5.63 -7.78 -0.20
N PHE A 297 5.02 -8.40 -1.21
CA PHE A 297 3.76 -7.89 -1.73
C PHE A 297 2.65 -8.00 -0.68
N ARG A 298 2.56 -9.14 0.00
CA ARG A 298 1.56 -9.28 1.05
C ARG A 298 1.75 -8.26 2.16
N GLN A 299 3.00 -7.97 2.50
CA GLN A 299 3.32 -7.01 3.54
C GLN A 299 3.32 -5.57 3.03
N ASN A 300 3.06 -5.36 1.73
CA ASN A 300 3.13 -4.04 1.13
C ASN A 300 4.47 -3.37 1.46
N ASN A 301 5.56 -4.08 1.17
CA ASN A 301 6.89 -3.58 1.45
C ASN A 301 7.41 -2.87 0.21
N ARG A 302 7.61 -1.56 0.32
CA ARG A 302 7.95 -0.75 -0.85
C ARG A 302 9.23 -1.25 -1.51
N GLU A 303 10.29 -1.45 -0.74
CA GLU A 303 11.56 -1.88 -1.32
C GLU A 303 11.44 -3.22 -2.00
N MET A 304 10.76 -4.18 -1.37
CA MET A 304 10.68 -5.51 -1.93
C MET A 304 9.82 -5.53 -3.19
N ILE A 305 8.72 -4.78 -3.20
CA ILE A 305 7.87 -4.75 -4.38
C ILE A 305 8.59 -4.10 -5.55
N LYS A 306 9.13 -2.90 -5.36
CA LYS A 306 9.72 -2.16 -6.47
C LYS A 306 11.03 -2.77 -6.98
N SER A 307 11.72 -3.57 -6.17
CA SER A 307 12.92 -4.25 -6.63
C SER A 307 12.66 -5.67 -7.10
N ALA A 308 11.41 -6.12 -7.05
CA ALA A 308 11.08 -7.50 -7.39
C ALA A 308 11.44 -7.80 -8.84
N PHE A 309 11.91 -9.03 -9.07
CA PHE A 309 12.19 -9.55 -10.41
C PHE A 309 13.25 -8.75 -11.13
N LEU A 310 14.09 -8.05 -10.37
CA LEU A 310 15.26 -7.36 -10.91
C LEU A 310 16.50 -7.87 -10.20
N PRO A 311 17.47 -8.42 -10.91
CA PRO A 311 18.71 -8.84 -10.24
C PRO A 311 19.71 -7.70 -10.15
N VAL A 312 20.15 -7.38 -8.94
CA VAL A 312 21.08 -6.29 -8.74
C VAL A 312 22.50 -6.76 -9.04
N PHE A 320 23.29 -6.75 -19.71
CA PHE A 320 23.48 -5.38 -19.26
C PHE A 320 22.67 -4.43 -20.13
N LYS A 321 23.29 -3.34 -20.61
CA LYS A 321 22.56 -2.25 -21.25
C LYS A 321 22.76 -2.29 -22.76
N SER A 322 21.66 -2.45 -23.50
CA SER A 322 21.73 -2.49 -24.96
C SER A 322 22.05 -1.13 -25.55
N LYS A 323 21.65 -0.05 -24.87
CA LYS A 323 21.80 1.32 -25.37
C LYS A 323 21.14 1.51 -26.73
N GLY A 324 20.15 0.68 -27.07
CA GLY A 324 19.42 0.79 -28.31
C GLY A 324 19.89 -0.14 -29.42
N ARG A 325 20.96 -0.89 -29.21
CA ARG A 325 21.48 -1.77 -30.25
C ARG A 325 20.73 -3.09 -30.24
N GLY A 326 20.24 -3.49 -31.41
CA GLY A 326 19.55 -4.76 -31.53
C GLY A 326 18.83 -4.86 -32.86
N PHE A 327 18.08 -5.96 -32.99
CA PHE A 327 17.27 -6.20 -34.18
C PHE A 327 16.00 -5.36 -34.07
N ASN A 328 16.16 -4.06 -34.34
CA ASN A 328 15.11 -3.09 -34.10
C ASN A 328 14.23 -2.82 -35.31
N TRP A 329 14.66 -3.18 -36.51
CA TRP A 329 13.98 -2.79 -37.74
C TRP A 329 13.56 -4.03 -38.53
N ALA A 330 12.53 -3.87 -39.36
CA ALA A 330 12.05 -4.96 -40.19
C ALA A 330 11.38 -4.41 -41.45
N ASN A 331 11.59 -5.10 -42.56
CA ASN A 331 10.88 -4.85 -43.80
C ASN A 331 9.85 -5.96 -44.00
N PHE A 332 8.60 -5.58 -44.21
CA PHE A 332 7.51 -6.54 -44.36
C PHE A 332 7.09 -6.62 -45.82
N ASP A 333 7.31 -7.79 -46.43
CA ASP A 333 6.76 -8.06 -47.76
C ASP A 333 5.29 -8.44 -47.61
N SER A 334 4.40 -7.57 -48.10
CA SER A 334 2.97 -7.81 -47.95
C SER A 334 2.44 -8.83 -48.94
N VAL A 335 3.17 -9.12 -50.00
CA VAL A 335 2.77 -10.14 -50.97
C VAL A 335 3.25 -11.52 -50.57
N LYS A 336 4.55 -11.66 -50.33
CA LYS A 336 5.13 -12.95 -49.97
C LYS A 336 4.97 -13.28 -48.49
N LYS A 337 4.40 -12.38 -47.70
CA LYS A 337 4.16 -12.58 -46.27
C LYS A 337 5.46 -12.93 -45.54
N LYS A 338 6.47 -12.09 -45.75
CA LYS A 338 7.78 -12.27 -45.13
C LYS A 338 8.15 -11.03 -44.34
N CYS A 339 8.83 -11.26 -43.22
CA CYS A 339 9.29 -10.21 -42.31
C CYS A 339 10.81 -10.31 -42.24
N TYR A 340 11.49 -9.29 -42.75
CA TYR A 340 12.96 -9.29 -42.81
C TYR A 340 13.50 -8.36 -41.73
N ILE A 341 14.00 -8.93 -40.64
CA ILE A 341 14.51 -8.16 -39.52
C ILE A 341 16.02 -8.03 -39.64
N PHE A 342 16.56 -6.93 -39.10
CA PHE A 342 17.99 -6.68 -39.16
C PHE A 342 18.38 -5.78 -38.00
N ASN A 343 19.66 -5.79 -37.66
CA ASN A 343 20.20 -5.05 -36.53
C ASN A 343 21.08 -3.88 -36.96
N THR A 344 21.07 -3.53 -38.24
CA THR A 344 21.84 -2.40 -38.74
C THR A 344 20.92 -1.21 -38.90
N LYS A 345 21.36 -0.05 -38.42
CA LYS A 345 20.62 1.18 -38.64
C LYS A 345 20.38 1.39 -40.13
N PRO A 346 19.15 1.67 -40.55
CA PRO A 346 18.91 2.02 -41.95
C PRO A 346 19.16 3.50 -42.16
N THR A 347 19.55 3.85 -43.40
CA THR A 347 19.88 5.23 -43.72
C THR A 347 19.07 5.79 -44.89
N CYS A 348 18.10 5.03 -45.40
CA CYS A 348 17.24 5.50 -46.48
C CYS A 348 16.09 4.52 -46.67
N LEU A 349 15.15 4.89 -47.54
CA LEU A 349 14.01 4.06 -47.90
C LEU A 349 14.07 3.73 -49.38
N ILE A 350 13.76 2.47 -49.71
CA ILE A 350 13.49 2.08 -51.09
C ILE A 350 11.99 2.14 -51.33
N ASN A 351 11.60 2.70 -52.48
CA ASN A 351 10.19 2.79 -52.87
C ASN A 351 9.75 1.46 -53.48
N ASP A 352 8.92 0.71 -52.75
CA ASP A 352 8.45 -0.60 -53.21
C ASP A 352 7.01 -0.82 -52.78
N LYS A 353 6.11 -0.96 -53.75
CA LYS A 353 4.68 -1.06 -53.45
C LYS A 353 4.32 -2.34 -52.68
N ASN A 354 5.21 -3.33 -52.64
CA ASN A 354 4.93 -4.57 -51.95
C ASN A 354 5.39 -4.59 -50.49
N PHE A 355 6.00 -3.52 -50.01
CA PHE A 355 6.73 -3.55 -48.75
C PHE A 355 6.22 -2.49 -47.79
N ILE A 356 6.30 -2.83 -46.49
CA ILE A 356 6.08 -1.87 -45.42
C ILE A 356 7.27 -1.95 -44.48
N ALA A 357 7.79 -0.79 -44.09
CA ALA A 357 8.92 -0.72 -43.17
C ALA A 357 8.41 -0.45 -41.75
N THR A 358 8.80 -1.32 -40.82
CA THR A 358 8.36 -1.23 -39.44
C THR A 358 9.55 -1.30 -38.51
N THR A 359 9.41 -0.71 -37.33
CA THR A 359 10.38 -0.86 -36.25
C THR A 359 9.69 -1.41 -35.01
N ALA A 360 10.50 -1.95 -34.10
CA ALA A 360 9.97 -2.48 -32.85
C ALA A 360 9.21 -1.42 -32.08
N LEU A 361 9.59 -0.15 -32.20
CA LEU A 361 8.93 0.93 -31.49
C LEU A 361 7.63 1.38 -32.15
N SER A 362 7.41 1.02 -33.42
CA SER A 362 6.34 1.61 -34.20
C SER A 362 4.99 1.02 -33.80
N HIS A 363 3.93 1.75 -34.14
CA HIS A 363 2.58 1.27 -33.90
C HIS A 363 2.37 -0.08 -34.57
N PRO A 364 1.57 -0.97 -33.98
CA PRO A 364 1.37 -2.29 -34.59
C PRO A 364 0.77 -2.25 -35.98
N ARG A 365 -0.08 -1.28 -36.30
CA ARG A 365 -0.79 -1.35 -37.58
C ARG A 365 -0.94 -0.03 -38.32
N GLU A 366 -0.73 1.12 -37.69
CA GLU A 366 -0.81 2.38 -38.42
C GLU A 366 0.19 2.41 -39.57
N VAL A 367 -0.28 2.78 -40.76
CA VAL A 367 0.56 2.84 -41.95
C VAL A 367 0.40 4.21 -42.58
N ASP A 368 1.51 4.89 -42.81
CA ASP A 368 1.53 6.09 -43.63
C ASP A 368 1.91 5.68 -45.05
N LEU A 369 0.97 5.87 -45.99
CA LEU A 369 1.12 5.31 -47.34
C LEU A 369 1.84 6.23 -48.30
N GLU A 370 2.00 7.51 -47.98
CA GLU A 370 2.51 8.50 -48.92
C GLU A 370 4.03 8.53 -48.86
N PHE A 371 4.67 7.81 -49.78
CA PHE A 371 6.11 7.88 -49.91
C PHE A 371 6.52 9.30 -50.33
N PRO A 372 7.62 9.83 -49.78
CA PRO A 372 8.07 11.17 -50.18
C PRO A 372 8.68 11.18 -51.56
N CYS A 373 7.83 11.27 -52.59
CA CYS A 373 8.30 11.08 -53.97
C CYS A 373 9.19 12.23 -54.44
N SER A 374 9.05 13.42 -53.86
CA SER A 374 9.79 14.59 -54.30
C SER A 374 11.16 14.72 -53.65
N ILE A 375 11.55 13.77 -52.80
CA ILE A 375 12.75 13.96 -51.98
C ILE A 375 13.98 14.12 -52.86
N TYR A 376 14.10 13.33 -53.93
CA TYR A 376 15.28 13.39 -54.79
C TYR A 376 15.25 14.63 -55.66
N LYS A 377 14.10 14.94 -56.26
CA LYS A 377 14.00 16.10 -57.14
C LYS A 377 14.25 17.39 -56.37
N ASP A 378 13.66 17.53 -55.18
CA ASP A 378 13.87 18.72 -54.37
C ASP A 378 15.33 18.88 -53.99
N GLU A 379 16.00 17.79 -53.65
CA GLU A 379 17.38 17.88 -53.19
C GLU A 379 18.33 18.18 -54.35
N ILE A 380 18.09 17.55 -55.50
CA ILE A 380 18.90 17.84 -56.68
C ILE A 380 18.84 19.33 -57.01
N GLU A 381 17.65 19.92 -56.90
CA GLU A 381 17.55 21.37 -57.07
C GLU A 381 18.23 22.13 -55.92
N ARG A 382 18.17 21.59 -54.70
CA ARG A 382 18.83 22.25 -53.58
C ARG A 382 20.35 22.24 -53.74
N GLU A 383 20.90 21.14 -54.25
CA GLU A 383 22.35 21.03 -54.43
C GLU A 383 22.84 21.74 -55.68
N ILE A 384 21.95 22.03 -56.64
CA ILE A 384 22.37 22.81 -57.80
C ILE A 384 22.78 24.21 -57.38
N LYS A 385 22.18 24.74 -56.32
CA LYS A 385 22.58 26.03 -55.77
C LYS A 385 23.94 25.99 -55.08
N LYS A 386 24.60 24.84 -55.06
CA LYS A 386 25.95 24.73 -54.54
C LYS A 386 26.93 24.50 -55.69
N ILE A 401 27.01 24.15 -62.88
CA ILE A 401 27.01 22.84 -63.52
C ILE A 401 27.45 21.77 -62.53
N VAL A 402 27.43 22.10 -61.24
CA VAL A 402 27.78 21.16 -60.18
C VAL A 402 26.53 20.33 -59.88
N LEU A 403 26.50 19.09 -60.38
CA LEU A 403 25.34 18.25 -60.15
C LEU A 403 25.60 17.30 -58.98
N PRO A 404 24.61 17.14 -58.10
CA PRO A 404 24.85 16.37 -56.87
C PRO A 404 25.01 14.88 -57.13
N ARG A 405 25.63 14.22 -56.15
CA ARG A 405 25.82 12.77 -56.19
C ARG A 405 24.52 12.08 -55.75
N ILE A 406 23.54 12.16 -56.65
CA ILE A 406 22.24 11.52 -56.47
C ILE A 406 21.85 10.93 -57.82
N PHE A 407 21.69 9.60 -57.88
CA PHE A 407 21.47 8.90 -59.13
C PHE A 407 20.09 8.26 -59.21
N ILE A 408 19.12 8.80 -58.45
CA ILE A 408 17.74 8.34 -58.47
C ILE A 408 16.86 9.58 -58.41
N SER A 409 15.80 9.59 -59.21
CA SER A 409 14.83 10.68 -59.20
C SER A 409 13.61 10.22 -59.98
N ASN A 410 12.49 10.92 -59.76
CA ASN A 410 11.34 10.69 -60.63
C ASN A 410 11.43 11.51 -61.91
N ASP A 411 12.26 12.54 -61.92
CA ASP A 411 12.59 13.28 -63.14
C ASP A 411 13.82 12.62 -63.77
N LYS A 412 13.61 11.94 -64.90
CA LYS A 412 14.68 11.25 -65.61
C LYS A 412 15.84 12.19 -65.92
N GLU A 413 15.54 13.28 -66.62
CA GLU A 413 16.58 14.18 -67.12
C GLU A 413 17.39 14.84 -65.99
N SER A 414 16.81 14.96 -64.80
CA SER A 414 17.52 15.63 -63.71
C SER A 414 18.76 14.87 -63.27
N ILE A 415 18.88 13.60 -63.64
CA ILE A 415 20.04 12.79 -63.24
C ILE A 415 21.19 12.94 -64.21
N LYS A 416 20.91 12.77 -65.50
CA LYS A 416 21.89 12.79 -66.59
C LYS A 416 22.82 11.59 -66.52
N CYS A 417 22.24 10.38 -66.56
CA CYS A 417 23.02 9.17 -66.81
C CYS A 417 23.96 9.35 -68.00
N PRO A 418 25.17 8.81 -67.94
CA PRO A 418 25.89 8.48 -69.17
C PRO A 418 25.17 7.46 -70.01
N CYS A 419 24.12 6.83 -69.48
CA CYS A 419 23.31 5.89 -70.24
C CYS A 419 21.83 6.22 -70.10
N GLU A 420 20.99 5.22 -70.21
CA GLU A 420 19.56 5.47 -70.03
C GLU A 420 19.14 5.05 -68.64
N PRO A 421 18.49 5.91 -67.86
CA PRO A 421 18.03 5.51 -66.53
C PRO A 421 17.04 4.36 -66.62
N GLU A 422 17.03 3.53 -65.58
CA GLU A 422 16.15 2.38 -65.50
C GLU A 422 15.03 2.65 -64.51
N HIS A 423 13.79 2.49 -64.97
CA HIS A 423 12.62 2.67 -64.11
C HIS A 423 12.51 1.52 -63.12
N ILE A 424 12.15 1.84 -61.88
CA ILE A 424 11.91 0.82 -60.86
C ILE A 424 10.46 0.37 -60.97
N SER A 425 10.26 -0.92 -61.30
CA SER A 425 8.91 -1.40 -61.58
C SER A 425 8.00 -1.29 -60.37
N GLN A 426 8.52 -1.51 -59.17
CA GLN A 426 7.68 -1.43 -57.98
C GLN A 426 7.69 -0.05 -57.33
N SER A 427 8.35 0.93 -57.95
CA SER A 427 8.32 2.30 -57.47
C SER A 427 6.94 2.91 -57.70
N THR A 428 6.25 3.26 -56.61
CA THR A 428 5.00 4.00 -56.78
C THR A 428 5.25 5.42 -57.28
N CYS A 429 6.45 5.96 -57.06
CA CYS A 429 6.80 7.29 -57.52
C CYS A 429 7.30 7.30 -58.96
N ASN A 430 7.44 6.14 -59.59
CA ASN A 430 8.05 6.00 -60.93
C ASN A 430 9.50 6.51 -60.93
N PHE A 431 10.27 6.02 -59.96
CA PHE A 431 11.66 6.43 -59.85
C PHE A 431 12.50 5.80 -60.96
N TYR A 432 13.46 6.56 -61.47
CA TYR A 432 14.47 6.07 -62.38
C TYR A 432 15.82 6.12 -61.68
N VAL A 433 16.65 5.10 -61.91
CA VAL A 433 17.94 4.97 -61.20
C VAL A 433 19.07 4.88 -62.22
N CYS A 434 20.12 5.65 -61.99
CA CYS A 434 21.28 5.71 -62.88
C CYS A 434 22.37 4.79 -62.32
N ASN A 435 22.49 3.59 -62.89
CA ASN A 435 23.48 2.64 -62.39
C ASN A 435 24.78 2.63 -63.18
N CYS A 436 24.92 3.45 -64.21
CA CYS A 436 26.11 3.43 -65.06
C CYS A 436 27.02 4.61 -64.70
N VAL A 437 27.51 4.59 -63.46
CA VAL A 437 28.32 5.68 -62.95
C VAL A 437 29.36 5.10 -62.01
N GLU A 438 30.41 5.87 -61.77
CA GLU A 438 31.43 5.48 -60.79
C GLU A 438 30.85 5.56 -59.39
N LYS A 439 30.94 4.46 -58.65
CA LYS A 439 30.50 4.39 -57.27
C LYS A 439 31.73 4.45 -56.36
N ARG A 440 31.65 5.28 -55.32
CA ARG A 440 32.76 5.51 -54.41
C ARG A 440 32.51 4.94 -53.02
N ALA A 441 31.50 4.10 -52.86
CA ALA A 441 31.22 3.46 -51.59
C ALA A 441 30.61 2.09 -51.86
N GLU A 442 30.68 1.23 -50.85
CA GLU A 442 30.18 -0.14 -50.99
C GLU A 442 29.76 -0.65 -49.61
N ILE A 443 29.06 -1.78 -49.63
CA ILE A 443 28.58 -2.41 -48.40
C ILE A 443 29.51 -3.57 -48.07
N LYS A 444 30.24 -3.44 -46.96
CA LYS A 444 31.06 -4.53 -46.44
C LYS A 444 30.16 -5.50 -45.67
N GLU A 445 30.77 -6.37 -44.88
CA GLU A 445 29.98 -7.34 -44.13
C GLU A 445 29.30 -6.68 -42.94
N ASN A 446 28.29 -7.37 -42.40
CA ASN A 446 27.44 -6.85 -41.34
C ASN A 446 26.77 -5.55 -41.74
N ASN A 447 26.47 -5.41 -43.04
CA ASN A 447 25.69 -4.28 -43.58
C ASN A 447 26.41 -2.95 -43.37
N GLN A 448 27.73 -2.96 -43.45
CA GLN A 448 28.54 -1.79 -43.17
C GLN A 448 28.84 -1.07 -44.48
N VAL A 449 28.33 0.16 -44.61
CA VAL A 449 28.55 0.97 -45.80
C VAL A 449 29.88 1.68 -45.64
N VAL A 450 30.86 1.33 -46.48
CA VAL A 450 32.21 1.85 -46.35
C VAL A 450 32.64 2.47 -47.67
N ILE A 451 33.45 3.53 -47.58
CA ILE A 451 34.03 4.14 -48.76
C ILE A 451 35.03 3.17 -49.39
N LYS A 452 34.97 3.03 -50.71
CA LYS A 452 35.89 2.13 -51.40
C LYS A 452 37.34 2.56 -51.16
N GLU A 453 38.25 1.59 -51.32
CA GLU A 453 39.65 1.82 -50.95
C GLU A 453 40.27 2.94 -51.79
N GLU A 454 39.90 3.00 -53.08
CA GLU A 454 40.49 3.98 -53.98
C GLU A 454 40.25 5.42 -53.53
N PHE A 455 39.21 5.65 -52.73
CA PHE A 455 38.86 7.00 -52.28
C PHE A 455 38.92 7.14 -50.77
N ARG A 456 39.31 6.08 -50.04
CA ARG A 456 39.33 6.14 -48.57
C ARG A 456 40.28 7.24 -48.09
N ASP A 457 41.50 7.26 -48.61
CA ASP A 457 42.44 8.31 -48.24
C ASP A 457 41.95 9.68 -48.70
N TYR A 458 41.35 9.74 -49.90
CA TYR A 458 40.83 11.00 -50.42
C TYR A 458 39.63 11.52 -49.64
N TYR A 459 39.08 10.73 -48.73
CA TYR A 459 37.95 11.18 -47.92
C TYR A 459 38.19 10.89 -46.44
N GLN B 1 8.89 -11.05 13.06
CA GLN B 1 8.59 -11.15 14.48
C GLN B 1 8.38 -9.77 15.10
N LEU B 2 7.78 -8.86 14.35
CA LEU B 2 7.72 -7.45 14.76
C LEU B 2 6.84 -7.26 15.99
N GLN B 3 7.41 -6.64 17.02
CA GLN B 3 6.68 -6.29 18.22
C GLN B 3 7.15 -4.93 18.71
N LEU B 4 6.20 -4.13 19.21
CA LEU B 4 6.45 -2.81 19.74
C LEU B 4 6.09 -2.79 21.21
N GLN B 5 6.93 -2.17 22.04
CA GLN B 5 6.72 -2.12 23.48
C GLN B 5 6.85 -0.70 23.98
N GLU B 6 5.74 -0.11 24.42
CA GLU B 6 5.78 1.17 25.08
C GLU B 6 6.38 1.03 26.48
N SER B 7 7.00 2.10 26.96
CA SER B 7 7.41 2.13 28.36
C SER B 7 6.18 2.11 29.27
N GLY B 8 6.43 1.86 30.56
CA GLY B 8 5.38 1.52 31.50
C GLY B 8 4.41 2.64 31.82
N PRO B 9 3.24 2.28 32.36
CA PRO B 9 2.23 3.28 32.70
C PRO B 9 2.57 4.00 33.99
N GLY B 10 2.09 5.23 34.10
CA GLY B 10 2.35 5.99 35.31
C GLY B 10 1.74 7.38 35.28
N LEU B 11 2.27 8.23 36.15
CA LEU B 11 1.77 9.56 36.41
C LEU B 11 2.64 10.62 35.72
N VAL B 12 2.02 11.73 35.37
CA VAL B 12 2.72 12.95 35.00
C VAL B 12 2.03 14.11 35.71
N LYS B 13 2.82 14.97 36.34
CA LYS B 13 2.22 16.09 37.03
C LYS B 13 1.77 17.16 36.04
N PRO B 14 0.68 17.86 36.35
CA PRO B 14 0.21 18.93 35.45
C PRO B 14 1.31 19.95 35.16
N SER B 15 1.34 20.40 33.91
CA SER B 15 2.27 21.37 33.33
C SER B 15 3.63 20.74 33.01
N GLU B 16 3.92 19.52 33.46
CA GLU B 16 5.20 18.90 33.20
C GLU B 16 5.16 18.17 31.86
N THR B 17 6.29 17.57 31.49
CA THR B 17 6.47 16.95 30.19
C THR B 17 6.27 15.44 30.29
N LEU B 18 5.35 14.91 29.48
CA LEU B 18 5.18 13.47 29.35
C LEU B 18 6.29 12.91 28.46
N SER B 19 6.86 11.78 28.89
CA SER B 19 7.99 11.16 28.21
C SER B 19 7.70 9.68 28.00
N LEU B 20 7.77 9.22 26.75
CA LEU B 20 7.50 7.82 26.42
C LEU B 20 8.52 7.31 25.43
N THR B 21 8.83 6.01 25.55
CA THR B 21 9.71 5.33 24.62
C THR B 21 9.04 4.06 24.11
N CYS B 22 9.27 3.76 22.84
CA CYS B 22 8.81 2.51 22.22
C CYS B 22 10.03 1.72 21.79
N THR B 23 10.08 0.44 22.16
CA THR B 23 11.21 -0.43 21.84
C THR B 23 10.78 -1.44 20.79
N VAL B 24 11.39 -1.37 19.62
CA VAL B 24 11.02 -2.21 18.49
C VAL B 24 11.89 -3.47 18.51
N SER B 25 11.25 -4.62 18.44
CA SER B 25 11.94 -5.90 18.33
C SER B 25 11.35 -6.66 17.14
N GLY B 26 12.15 -7.58 16.60
CA GLY B 26 11.73 -8.30 15.41
C GLY B 26 11.68 -7.45 14.16
N GLY B 27 12.55 -6.45 14.06
CA GLY B 27 12.54 -5.50 12.97
C GLY B 27 13.35 -4.29 13.32
N SER B 28 13.63 -3.48 12.32
CA SER B 28 14.48 -2.31 12.46
C SER B 28 13.70 -1.03 12.24
N VAL B 29 13.98 -0.01 13.05
CA VAL B 29 13.43 1.31 12.81
C VAL B 29 14.06 1.99 11.62
N SER B 30 15.12 1.41 11.07
CA SER B 30 15.73 1.87 9.83
C SER B 30 15.17 1.06 8.67
N SER B 31 13.88 1.27 8.41
CA SER B 31 13.16 0.50 7.38
C SER B 31 12.43 1.45 6.44
N PRO B 32 12.97 1.70 5.25
CA PRO B 32 12.30 2.59 4.30
C PRO B 32 10.84 2.19 4.07
N GLY B 33 10.00 3.19 3.89
CA GLY B 33 8.58 2.99 3.73
C GLY B 33 7.79 2.98 5.02
N TYR B 34 8.46 3.01 6.17
CA TYR B 34 7.80 2.92 7.46
C TYR B 34 8.22 4.08 8.35
N TYR B 35 7.21 4.76 8.91
CA TYR B 35 7.40 5.77 9.94
C TYR B 35 6.89 5.23 11.25
N TRP B 36 7.40 5.78 12.35
CA TRP B 36 7.06 5.33 13.68
C TRP B 36 6.35 6.45 14.40
N SER B 37 5.10 6.19 14.81
CA SER B 37 4.23 7.26 15.25
C SER B 37 3.62 6.92 16.60
N TRP B 38 3.05 7.95 17.22
CA TRP B 38 2.33 7.83 18.48
C TRP B 38 0.87 8.21 18.24
N ILE B 39 -0.03 7.38 18.76
CA ILE B 39 -1.46 7.61 18.68
C ILE B 39 -2.02 7.42 20.08
N ARG B 40 -2.99 8.24 20.46
CA ARG B 40 -3.49 8.24 21.82
C ARG B 40 -5.01 8.16 21.83
N GLN B 41 -5.54 7.68 22.96
CA GLN B 41 -6.95 7.40 23.12
C GLN B 41 -7.35 7.72 24.56
N PRO B 42 -8.02 8.85 24.78
CA PRO B 42 -8.54 9.12 26.12
C PRO B 42 -9.56 8.07 26.51
N PRO B 43 -9.70 7.79 27.81
CA PRO B 43 -10.61 6.72 28.24
C PRO B 43 -12.02 6.90 27.70
N GLY B 44 -12.57 5.81 27.16
CA GLY B 44 -13.89 5.85 26.57
C GLY B 44 -14.02 6.66 25.30
N GLN B 45 -12.91 7.02 24.65
CA GLN B 45 -12.97 7.91 23.50
C GLN B 45 -12.30 7.33 22.27
N GLY B 46 -12.09 8.18 21.26
CA GLY B 46 -11.57 7.78 19.98
C GLY B 46 -10.06 7.92 19.89
N LEU B 47 -9.57 7.92 18.65
CA LEU B 47 -8.14 7.87 18.39
C LEU B 47 -7.64 9.20 17.84
N GLU B 48 -6.46 9.61 18.30
CA GLU B 48 -5.82 10.84 17.86
C GLU B 48 -4.36 10.57 17.57
N TRP B 49 -3.96 10.79 16.31
CA TRP B 49 -2.56 10.70 15.94
C TRP B 49 -1.81 11.91 16.47
N ILE B 50 -0.63 11.66 17.05
CA ILE B 50 0.16 12.72 17.68
C ILE B 50 1.26 13.20 16.74
N GLY B 51 1.96 12.28 16.10
CA GLY B 51 3.10 12.62 15.26
C GLY B 51 3.94 11.38 15.05
N ASP B 52 4.98 11.54 14.23
CA ASP B 52 5.86 10.41 13.94
C ASP B 52 7.32 10.87 13.94
N ILE B 53 8.20 9.91 13.63
CA ILE B 53 9.62 10.15 13.38
C ILE B 53 10.05 9.18 12.28
N TYR B 54 10.94 9.65 11.42
CA TYR B 54 11.51 8.82 10.36
C TYR B 54 12.97 8.53 10.67
N TYR B 55 13.49 7.42 10.14
CA TYR B 55 14.84 7.00 10.52
C TYR B 55 15.88 8.00 10.05
N ARG B 56 15.63 8.69 8.93
CA ARG B 56 16.56 9.74 8.50
C ARG B 56 16.55 10.94 9.43
N GLY B 57 15.51 11.12 10.25
CA GLY B 57 15.45 12.15 11.25
C GLY B 57 14.31 13.14 11.12
N SER B 58 13.55 13.10 10.03
CA SER B 58 12.42 14.01 9.87
C SER B 58 11.21 13.53 10.66
N SER B 59 10.30 14.47 10.95
CA SER B 59 9.15 14.14 11.77
C SER B 59 7.95 14.99 11.38
N ASN B 60 6.79 14.35 11.24
CA ASN B 60 5.52 15.02 11.07
C ASN B 60 4.80 15.03 12.42
N GLN B 61 3.97 16.04 12.64
CA GLN B 61 3.23 16.17 13.88
C GLN B 61 1.80 16.61 13.59
N ASN B 62 0.88 16.22 14.46
CA ASN B 62 -0.49 16.70 14.40
C ASN B 62 -0.47 18.21 14.55
N PRO B 63 -0.91 18.98 13.54
CA PRO B 63 -0.74 20.44 13.59
C PRO B 63 -1.33 21.10 14.82
N SER B 64 -2.32 20.48 15.46
CA SER B 64 -2.93 21.03 16.66
C SER B 64 -2.14 20.72 17.93
N LEU B 65 -1.07 19.93 17.84
CA LEU B 65 -0.20 19.69 18.99
C LEU B 65 1.27 20.02 18.68
N LYS B 66 1.57 20.52 17.48
CA LYS B 66 2.94 20.63 17.01
C LYS B 66 3.86 21.32 18.02
N SER B 67 3.39 22.40 18.63
CA SER B 67 4.23 23.17 19.54
C SER B 67 4.62 22.38 20.78
N ARG B 68 3.88 21.33 21.13
CA ARG B 68 4.14 20.57 22.34
C ARG B 68 4.78 19.21 22.07
N VAL B 69 4.98 18.83 20.81
CA VAL B 69 5.37 17.48 20.46
C VAL B 69 6.82 17.48 20.01
N THR B 70 7.60 16.53 20.52
CA THR B 70 8.93 16.25 20.01
C THR B 70 9.07 14.74 19.91
N THR B 71 9.42 14.25 18.73
CA THR B 71 9.75 12.85 18.54
C THR B 71 11.23 12.71 18.23
N SER B 72 11.74 11.51 18.42
CA SER B 72 13.14 11.23 18.14
C SER B 72 13.27 9.74 17.88
N VAL B 73 14.37 9.36 17.25
CA VAL B 73 14.64 7.96 16.94
C VAL B 73 16.08 7.66 17.30
N ASP B 74 16.30 6.47 17.85
CA ASP B 74 17.63 5.96 18.18
C ASP B 74 17.88 4.76 17.27
N THR B 75 18.65 4.98 16.20
CA THR B 75 18.90 3.88 15.26
C THR B 75 19.79 2.82 15.87
N ALA B 76 20.61 3.17 16.87
CA ALA B 76 21.49 2.18 17.48
C ALA B 76 20.73 1.26 18.43
N THR B 77 19.77 1.79 19.18
CA THR B 77 19.02 1.00 20.15
C THR B 77 17.68 0.52 19.61
N ASN B 78 17.30 0.90 18.39
CA ASN B 78 16.04 0.47 17.78
C ASN B 78 14.83 0.94 18.58
N GLN B 79 14.86 2.20 19.01
CA GLN B 79 13.78 2.78 19.79
C GLN B 79 13.42 4.14 19.20
N PHE B 80 12.19 4.58 19.48
CA PHE B 80 11.80 5.94 19.19
C PHE B 80 10.99 6.46 20.37
N SER B 81 10.91 7.78 20.48
CA SER B 81 10.44 8.43 21.69
C SER B 81 9.43 9.52 21.38
N LEU B 82 8.72 9.94 22.42
CA LEU B 82 7.75 11.01 22.35
C LEU B 82 7.93 11.92 23.55
N ARG B 83 7.89 13.23 23.32
CA ARG B 83 7.87 14.22 24.39
C ARG B 83 6.70 15.15 24.15
N LEU B 84 5.78 15.17 25.10
CA LEU B 84 4.62 16.07 25.08
C LEU B 84 4.71 16.98 26.30
N SER B 85 4.89 18.27 26.07
CA SER B 85 5.12 19.21 27.16
C SER B 85 3.81 19.86 27.60
N SER B 86 3.86 20.44 28.80
CA SER B 86 2.74 21.21 29.37
C SER B 86 1.43 20.43 29.33
N VAL B 87 1.46 19.25 29.93
CA VAL B 87 0.29 18.39 29.88
C VAL B 87 -0.77 18.90 30.84
N THR B 88 -2.03 18.71 30.45
CA THR B 88 -3.19 18.92 31.27
C THR B 88 -3.96 17.61 31.38
N ALA B 89 -5.05 17.63 32.15
CA ALA B 89 -5.87 16.43 32.27
C ALA B 89 -6.39 15.96 30.92
N ALA B 90 -6.50 16.88 29.94
CA ALA B 90 -6.91 16.52 28.60
C ALA B 90 -5.93 15.58 27.91
N ASP B 91 -4.71 15.43 28.42
CA ASP B 91 -3.71 14.54 27.85
C ASP B 91 -3.71 13.17 28.50
N THR B 92 -4.55 12.96 29.52
CA THR B 92 -4.71 11.62 30.09
C THR B 92 -5.28 10.70 29.03
N ALA B 93 -4.53 9.64 28.71
CA ALA B 93 -4.91 8.77 27.61
C ALA B 93 -4.06 7.51 27.65
N VAL B 94 -4.49 6.51 26.88
CA VAL B 94 -3.64 5.39 26.53
C VAL B 94 -2.82 5.80 25.31
N TYR B 95 -1.50 5.70 25.42
CA TYR B 95 -0.61 6.10 24.35
C TYR B 95 -0.07 4.86 23.65
N PHE B 96 -0.39 4.71 22.37
CA PHE B 96 0.12 3.63 21.54
C PHE B 96 1.30 4.13 20.71
N CYS B 97 2.33 3.31 20.61
CA CYS B 97 3.30 3.48 19.54
C CYS B 97 2.91 2.52 18.41
N ALA B 98 3.24 2.90 17.18
CA ALA B 98 2.75 2.12 16.05
C ALA B 98 3.68 2.33 14.87
N ARG B 99 3.85 1.27 14.08
CA ARG B 99 4.51 1.39 12.80
C ARG B 99 3.51 1.89 11.77
N SER B 100 3.93 2.88 10.98
CA SER B 100 3.08 3.47 9.97
C SER B 100 3.66 3.21 8.59
N ARG B 101 2.86 2.62 7.72
CA ARG B 101 3.23 2.43 6.33
C ARG B 101 3.07 3.76 5.61
N GLY B 102 4.18 4.43 5.31
CA GLY B 102 4.13 5.77 4.75
C GLY B 102 4.74 5.91 3.38
N GLU B 103 4.04 6.64 2.50
CA GLU B 103 4.53 6.86 1.14
C GLU B 103 3.83 8.07 0.57
N GLY B 104 4.60 9.10 0.23
CA GLY B 104 4.05 10.28 -0.41
C GLY B 104 4.74 10.58 -1.72
N TYR B 105 4.07 11.31 -2.59
CA TYR B 105 4.64 11.65 -3.90
C TYR B 105 4.40 13.12 -4.18
N CYS B 106 5.45 13.80 -4.66
CA CYS B 106 5.44 15.25 -4.82
C CYS B 106 5.82 15.62 -6.25
N SER B 107 5.09 16.59 -6.80
CA SER B 107 5.41 17.17 -8.09
C SER B 107 4.87 18.59 -8.11
N PHE B 108 5.64 19.49 -8.72
CA PHE B 108 5.24 20.89 -8.92
C PHE B 108 4.87 21.58 -7.61
N GLY B 109 5.61 21.25 -6.55
CA GLY B 109 5.45 21.93 -5.28
C GLY B 109 4.33 21.45 -4.38
N THR B 110 3.73 20.31 -4.67
CA THR B 110 2.65 19.76 -3.86
C THR B 110 2.86 18.27 -3.69
N CYS B 111 2.65 17.77 -2.48
CA CYS B 111 2.76 16.34 -2.19
C CYS B 111 1.39 15.73 -1.98
N TYR B 112 1.29 14.44 -2.29
CA TYR B 112 0.05 13.69 -2.22
C TYR B 112 0.35 12.34 -1.60
N THR B 113 -0.52 11.90 -0.69
CA THR B 113 -0.27 10.68 0.05
C THR B 113 -0.72 9.46 -0.76
N LEU B 114 0.14 8.45 -0.81
CA LEU B 114 -0.30 7.14 -1.26
C LEU B 114 -0.64 6.21 -0.11
N PHE B 115 0.20 6.15 0.94
CA PHE B 115 -0.07 5.34 2.12
C PHE B 115 0.27 6.12 3.37
N TYR B 116 -0.65 6.11 4.35
CA TYR B 116 -0.27 6.46 5.72
C TYR B 116 -1.24 5.77 6.67
N TYR B 117 -1.00 4.47 6.90
CA TYR B 117 -1.83 3.67 7.77
C TYR B 117 -0.96 2.95 8.78
N PHE B 118 -1.60 2.41 9.82
CA PHE B 118 -0.90 1.86 10.98
C PHE B 118 -1.09 0.35 11.00
N ASP B 119 -0.05 -0.39 10.60
CA ASP B 119 -0.17 -1.82 10.42
C ASP B 119 0.25 -2.63 11.63
N TYR B 120 1.04 -2.08 12.54
CA TYR B 120 1.44 -2.80 13.75
C TYR B 120 1.48 -1.83 14.92
N TRP B 121 0.84 -2.19 16.02
CA TRP B 121 0.71 -1.34 17.19
C TRP B 121 1.30 -2.01 18.41
N GLY B 122 1.78 -1.20 19.35
CA GLY B 122 2.11 -1.69 20.67
C GLY B 122 0.85 -2.02 21.46
N GLN B 123 1.05 -2.30 22.74
CA GLN B 123 -0.07 -2.66 23.61
C GLN B 123 -0.76 -1.45 24.22
N GLY B 124 -0.10 -0.29 24.24
CA GLY B 124 -0.66 0.88 24.86
C GLY B 124 -0.22 1.03 26.31
N THR B 125 0.08 2.27 26.71
CA THR B 125 0.46 2.58 28.08
C THR B 125 -0.42 3.72 28.56
N LEU B 126 -1.08 3.51 29.70
CA LEU B 126 -1.98 4.52 30.23
C LEU B 126 -1.17 5.57 30.96
N VAL B 127 -1.28 6.82 30.51
CA VAL B 127 -0.66 7.95 31.18
C VAL B 127 -1.77 8.76 31.85
N THR B 128 -1.62 8.98 33.15
CA THR B 128 -2.58 9.75 33.93
C THR B 128 -1.94 11.06 34.34
N VAL B 129 -2.52 12.17 33.89
CA VAL B 129 -2.09 13.49 34.33
C VAL B 129 -2.79 13.79 35.65
N SER B 130 -2.03 13.94 36.73
CA SER B 130 -2.61 14.16 38.04
C SER B 130 -1.53 14.67 38.97
N SER B 131 -1.98 15.36 40.03
CA SER B 131 -1.08 15.81 41.08
C SER B 131 -0.92 14.78 42.19
N ALA B 132 -1.86 13.86 42.32
CA ALA B 132 -1.78 12.83 43.36
C ALA B 132 -0.58 11.92 43.14
N SER B 133 -0.14 11.31 44.22
CA SER B 133 0.96 10.34 44.19
C SER B 133 0.40 8.93 44.08
N THR B 134 1.29 7.98 43.84
CA THR B 134 0.87 6.61 43.64
C THR B 134 0.61 5.92 44.97
N LYS B 135 -0.28 4.94 44.93
CA LYS B 135 -0.58 4.07 46.07
C LYS B 135 -0.85 2.67 45.52
N GLY B 136 -0.12 1.68 46.02
CA GLY B 136 -0.30 0.31 45.61
C GLY B 136 -1.51 -0.30 46.27
N PRO B 137 -2.10 -1.32 45.66
CA PRO B 137 -3.32 -1.91 46.20
C PRO B 137 -3.07 -2.97 47.26
N SER B 138 -4.12 -3.24 48.02
CA SER B 138 -4.22 -4.46 48.81
C SER B 138 -4.97 -5.51 48.00
N VAL B 139 -4.60 -6.77 48.18
CA VAL B 139 -5.17 -7.87 47.42
C VAL B 139 -5.79 -8.84 48.40
N PHE B 140 -7.12 -8.97 48.34
CA PHE B 140 -7.85 -9.87 49.22
C PHE B 140 -8.46 -11.02 48.43
N PRO B 141 -8.49 -12.22 49.01
CA PRO B 141 -9.13 -13.34 48.31
C PRO B 141 -10.64 -13.20 48.34
N LEU B 142 -11.27 -13.71 47.29
CA LEU B 142 -12.72 -13.90 47.23
C LEU B 142 -12.93 -15.41 47.27
N ALA B 143 -13.08 -15.95 48.48
CA ALA B 143 -12.94 -17.38 48.69
C ALA B 143 -14.14 -18.14 48.14
N PRO B 144 -13.92 -19.31 47.52
CA PRO B 144 -15.06 -20.11 47.04
C PRO B 144 -15.77 -20.80 48.20
N SER B 145 -17.09 -20.93 48.07
CA SER B 145 -17.93 -21.51 49.12
C SER B 145 -19.30 -21.80 48.52
N SER B 146 -20.22 -22.24 49.38
CA SER B 146 -21.60 -22.49 48.95
C SER B 146 -22.27 -21.20 48.49
N LYS B 147 -22.01 -20.09 49.18
CA LYS B 147 -22.50 -18.79 48.73
C LYS B 147 -21.93 -18.42 47.37
N SER B 148 -20.84 -19.06 46.96
CA SER B 148 -20.20 -18.85 45.67
C SER B 148 -20.41 -20.04 44.73
N THR B 149 -21.49 -20.79 44.94
CA THR B 149 -21.78 -21.97 44.12
C THR B 149 -23.20 -21.87 43.58
N SER B 150 -23.34 -22.03 42.27
CA SER B 150 -24.65 -21.94 41.62
C SER B 150 -24.64 -22.94 40.47
N GLY B 151 -25.47 -23.99 40.58
CA GLY B 151 -25.41 -25.05 39.60
C GLY B 151 -24.09 -25.82 39.71
N GLY B 152 -23.64 -26.33 38.58
CA GLY B 152 -22.37 -27.01 38.54
C GLY B 152 -21.15 -26.11 38.49
N THR B 153 -21.32 -24.80 38.71
CA THR B 153 -20.21 -23.86 38.66
C THR B 153 -19.97 -23.25 40.02
N ALA B 154 -18.69 -23.02 40.34
CA ALA B 154 -18.27 -22.30 41.53
C ALA B 154 -17.49 -21.06 41.11
N ALA B 155 -17.48 -20.06 41.97
CA ALA B 155 -16.79 -18.81 41.68
C ALA B 155 -15.81 -18.48 42.81
N LEU B 156 -14.68 -17.92 42.42
CA LEU B 156 -13.68 -17.38 43.34
C LEU B 156 -13.00 -16.22 42.63
N GLY B 157 -12.24 -15.44 43.37
CA GLY B 157 -11.61 -14.29 42.75
C GLY B 157 -10.70 -13.55 43.68
N CYS B 158 -10.33 -12.34 43.26
CA CYS B 158 -9.40 -11.49 43.97
C CYS B 158 -9.94 -10.06 43.95
N LEU B 159 -9.92 -9.41 45.11
CA LEU B 159 -10.30 -8.00 45.22
C LEU B 159 -9.03 -7.17 45.29
N VAL B 160 -8.86 -6.28 44.31
CA VAL B 160 -7.69 -5.40 44.22
C VAL B 160 -8.17 -4.01 44.57
N LYS B 161 -7.87 -3.55 45.78
CA LYS B 161 -8.56 -2.42 46.40
C LYS B 161 -7.58 -1.31 46.75
N ASP B 162 -8.04 -0.06 46.57
CA ASP B 162 -7.38 1.15 47.07
C ASP B 162 -6.01 1.37 46.42
N TYR B 163 -6.05 1.63 45.11
CA TYR B 163 -4.83 1.90 44.37
C TYR B 163 -5.04 3.10 43.45
N PHE B 164 -3.93 3.77 43.12
CA PHE B 164 -3.93 4.92 42.23
C PHE B 164 -2.56 5.04 41.59
N PRO B 165 -2.47 5.36 40.30
CA PRO B 165 -3.55 5.49 39.33
C PRO B 165 -3.85 4.15 38.68
N GLU B 166 -4.73 4.11 37.69
CA GLU B 166 -4.86 2.93 36.85
C GLU B 166 -3.57 2.79 36.02
N PRO B 167 -3.29 1.58 35.49
CA PRO B 167 -4.03 0.33 35.56
C PRO B 167 -3.45 -0.65 36.56
N VAL B 168 -4.07 -1.82 36.66
CA VAL B 168 -3.50 -2.97 37.33
C VAL B 168 -3.55 -4.13 36.35
N THR B 169 -2.54 -4.98 36.42
CA THR B 169 -2.52 -6.25 35.70
C THR B 169 -2.97 -7.34 36.64
N VAL B 170 -3.96 -8.12 36.21
CA VAL B 170 -4.39 -9.31 36.92
C VAL B 170 -4.30 -10.49 35.97
N SER B 171 -3.47 -11.45 36.32
CA SER B 171 -3.48 -12.76 35.67
C SER B 171 -3.76 -13.82 36.72
N TRP B 172 -4.00 -15.04 36.27
CA TRP B 172 -4.23 -16.16 37.17
C TRP B 172 -3.26 -17.28 36.81
N ASN B 173 -2.59 -17.82 37.82
CA ASN B 173 -1.57 -18.85 37.63
C ASN B 173 -0.58 -18.43 36.56
N SER B 174 -0.14 -17.17 36.66
CA SER B 174 0.92 -16.59 35.81
C SER B 174 0.55 -16.65 34.33
N GLY B 175 -0.74 -16.63 34.01
CA GLY B 175 -1.21 -16.69 32.65
C GLY B 175 -1.65 -18.07 32.19
N ALA B 176 -1.43 -19.10 33.00
CA ALA B 176 -1.82 -20.45 32.61
C ALA B 176 -3.34 -20.62 32.65
N LEU B 177 -4.04 -19.88 33.51
CA LEU B 177 -5.49 -19.97 33.64
C LEU B 177 -6.11 -18.76 32.96
N THR B 178 -6.80 -18.99 31.84
CA THR B 178 -7.53 -17.95 31.13
C THR B 178 -9.00 -18.24 30.96
N SER B 179 -9.40 -19.51 30.92
CA SER B 179 -10.79 -19.87 30.69
C SER B 179 -11.60 -19.65 31.95
N GLY B 180 -12.74 -18.97 31.80
CA GLY B 180 -13.61 -18.67 32.93
C GLY B 180 -13.23 -17.43 33.72
N VAL B 181 -12.23 -16.68 33.30
CA VAL B 181 -11.74 -15.53 34.04
C VAL B 181 -12.50 -14.29 33.59
N HIS B 182 -12.97 -13.51 34.57
CA HIS B 182 -13.56 -12.20 34.31
C HIS B 182 -12.83 -11.19 35.18
N THR B 183 -12.16 -10.23 34.55
CA THR B 183 -11.54 -9.12 35.25
C THR B 183 -12.36 -7.87 34.94
N PHE B 184 -12.91 -7.29 35.95
CA PHE B 184 -13.88 -6.24 35.71
C PHE B 184 -13.20 -4.88 35.62
N PRO B 185 -13.80 -3.94 34.89
CA PRO B 185 -13.32 -2.56 34.95
C PRO B 185 -13.29 -2.07 36.38
N ALA B 186 -12.24 -1.30 36.71
CA ALA B 186 -12.15 -0.72 38.04
C ALA B 186 -13.18 0.39 38.21
N VAL B 187 -13.59 0.60 39.45
CA VAL B 187 -14.42 1.74 39.80
C VAL B 187 -13.59 2.71 40.60
N LEU B 188 -13.90 4.00 40.46
CA LEU B 188 -13.28 5.04 41.27
C LEU B 188 -14.12 5.24 42.53
N GLN B 189 -13.50 5.11 43.69
CA GLN B 189 -14.18 5.29 44.96
C GLN B 189 -14.17 6.75 45.39
N SER B 190 -14.93 7.04 46.46
CA SER B 190 -15.01 8.40 46.98
C SER B 190 -13.65 8.90 47.42
N SER B 191 -12.79 8.02 47.91
CA SER B 191 -11.45 8.39 48.35
C SER B 191 -10.55 8.81 47.20
N GLY B 192 -10.99 8.70 45.95
CA GLY B 192 -10.14 8.91 44.81
C GLY B 192 -9.27 7.72 44.46
N LEU B 193 -9.41 6.60 45.15
CA LEU B 193 -8.68 5.39 44.83
C LEU B 193 -9.54 4.47 43.99
N TYR B 194 -8.87 3.66 43.17
CA TYR B 194 -9.56 2.69 42.33
C TYR B 194 -9.68 1.37 43.05
N SER B 195 -10.65 0.56 42.61
CA SER B 195 -10.81 -0.78 43.15
C SER B 195 -11.35 -1.68 42.05
N LEU B 196 -10.84 -2.91 42.03
CA LEU B 196 -11.10 -3.83 40.95
C LEU B 196 -11.33 -5.23 41.52
N SER B 197 -12.12 -6.02 40.82
CA SER B 197 -12.29 -7.43 41.14
C SER B 197 -11.97 -8.26 39.92
N SER B 198 -11.32 -9.40 40.14
CA SER B 198 -11.09 -10.38 39.09
C SER B 198 -11.56 -11.73 39.60
N VAL B 199 -12.41 -12.40 38.83
CA VAL B 199 -13.03 -13.64 39.26
C VAL B 199 -12.79 -14.71 38.21
N VAL B 200 -12.81 -15.97 38.66
CA VAL B 200 -12.77 -17.11 37.77
C VAL B 200 -13.87 -18.08 38.21
N THR B 201 -14.63 -18.59 37.24
CA THR B 201 -15.62 -19.62 37.48
C THR B 201 -15.07 -20.96 37.03
N VAL B 202 -15.14 -21.96 37.90
CA VAL B 202 -14.72 -23.32 37.56
C VAL B 202 -15.88 -24.24 37.85
N PRO B 203 -15.91 -25.43 37.25
CA PRO B 203 -16.90 -26.43 37.64
C PRO B 203 -16.74 -26.79 39.11
N SER B 204 -17.85 -26.77 39.85
CA SER B 204 -17.79 -26.99 41.29
C SER B 204 -17.33 -28.39 41.65
N SER B 205 -17.43 -29.35 40.72
CA SER B 205 -16.91 -30.69 40.96
C SER B 205 -15.39 -30.76 40.88
N SER B 206 -14.73 -29.67 40.48
CA SER B 206 -13.28 -29.64 40.35
C SER B 206 -12.63 -28.60 41.26
N LEU B 207 -13.36 -28.13 42.27
CA LEU B 207 -12.86 -27.06 43.12
C LEU B 207 -11.51 -27.42 43.74
N GLY B 208 -11.45 -28.51 44.48
CA GLY B 208 -10.23 -28.89 45.18
C GLY B 208 -9.23 -29.68 44.36
N THR B 209 -9.37 -29.67 43.03
CA THR B 209 -8.43 -30.37 42.16
C THR B 209 -7.33 -29.47 41.62
N GLN B 210 -7.48 -28.16 41.72
CA GLN B 210 -6.51 -27.21 41.21
C GLN B 210 -6.36 -26.09 42.21
N THR B 211 -5.17 -25.46 42.22
CA THR B 211 -4.90 -24.29 43.01
C THR B 211 -4.98 -23.04 42.14
N TYR B 212 -5.43 -21.93 42.74
CA TYR B 212 -5.70 -20.70 42.00
C TYR B 212 -4.92 -19.54 42.62
N ILE B 213 -3.88 -19.09 41.93
CA ILE B 213 -3.10 -17.93 42.35
C ILE B 213 -3.48 -16.78 41.42
N CYS B 214 -3.94 -15.67 42.00
CA CYS B 214 -4.10 -14.44 41.24
C CYS B 214 -2.82 -13.62 41.38
N ASN B 215 -2.28 -13.19 40.25
CA ASN B 215 -1.06 -12.39 40.20
C ASN B 215 -1.45 -10.95 39.88
N VAL B 216 -1.15 -10.04 40.79
CA VAL B 216 -1.54 -8.64 40.67
C VAL B 216 -0.26 -7.82 40.53
N ASN B 217 -0.22 -6.98 39.51
CA ASN B 217 0.91 -6.09 39.26
C ASN B 217 0.38 -4.67 39.07
N HIS B 218 0.80 -3.76 39.93
CA HIS B 218 0.51 -2.34 39.79
C HIS B 218 1.84 -1.66 39.49
N LYS B 219 2.13 -1.50 38.20
CA LYS B 219 3.41 -0.93 37.79
C LYS B 219 3.68 0.48 38.34
N PRO B 220 2.72 1.39 38.42
CA PRO B 220 3.05 2.74 38.93
C PRO B 220 3.70 2.74 40.31
N SER B 221 3.40 1.74 41.15
CA SER B 221 4.01 1.61 42.46
C SER B 221 4.89 0.38 42.60
N ASN B 222 5.12 -0.35 41.50
CA ASN B 222 5.89 -1.59 41.49
C ASN B 222 5.42 -2.53 42.60
N THR B 223 4.12 -2.69 42.72
CA THR B 223 3.53 -3.68 43.62
C THR B 223 3.25 -4.93 42.82
N LYS B 224 3.83 -6.05 43.24
CA LYS B 224 3.60 -7.36 42.64
C LYS B 224 3.18 -8.30 43.76
N VAL B 225 1.93 -8.74 43.73
CA VAL B 225 1.36 -9.57 44.78
C VAL B 225 0.77 -10.83 44.16
N ASP B 226 1.10 -11.98 44.73
CA ASP B 226 0.46 -13.24 44.40
C ASP B 226 -0.36 -13.70 45.60
N LYS B 227 -1.64 -14.00 45.37
CA LYS B 227 -2.56 -14.35 46.44
C LYS B 227 -3.25 -15.67 46.12
N ARG B 228 -2.99 -16.69 46.94
CA ARG B 228 -3.71 -17.95 46.83
C ARG B 228 -5.15 -17.79 47.30
N VAL B 229 -6.09 -18.28 46.51
CA VAL B 229 -7.51 -18.23 46.85
C VAL B 229 -7.94 -19.64 47.23
N GLU B 230 -8.11 -19.88 48.52
CA GLU B 230 -8.43 -21.10 49.25
C GLU B 230 -9.91 -21.18 49.59
N PRO B 231 -10.53 -22.35 49.40
CA PRO B 231 -11.91 -22.61 49.83
C PRO B 231 -12.13 -22.34 51.31
N GLU C 1 -8.90 20.65 9.06
CA GLU C 1 -8.68 19.21 9.03
C GLU C 1 -9.83 18.51 8.31
N ILE C 2 -9.61 17.26 7.92
CA ILE C 2 -10.66 16.44 7.35
C ILE C 2 -11.31 15.64 8.48
N VAL C 3 -12.62 15.75 8.59
CA VAL C 3 -13.37 15.11 9.67
C VAL C 3 -14.01 13.84 9.12
N MET C 4 -13.88 12.75 9.86
CA MET C 4 -14.46 11.46 9.52
C MET C 4 -15.60 11.18 10.47
N THR C 5 -16.77 10.89 9.92
CA THR C 5 -17.97 10.61 10.72
C THR C 5 -18.43 9.18 10.46
N GLN C 6 -18.59 8.41 11.53
CA GLN C 6 -18.96 7.01 11.43
C GLN C 6 -20.39 6.80 11.90
N SER C 7 -21.08 5.86 11.25
CA SER C 7 -22.49 5.59 11.48
C SER C 7 -22.77 4.11 11.29
N PRO C 8 -23.68 3.52 12.07
CA PRO C 8 -24.34 4.08 13.26
C PRO C 8 -23.36 4.13 14.44
N ALA C 9 -23.75 4.70 15.58
CA ALA C 9 -22.84 4.69 16.73
C ALA C 9 -22.66 3.28 17.27
N THR C 10 -23.75 2.51 17.38
CA THR C 10 -23.70 1.13 17.80
C THR C 10 -24.50 0.28 16.83
N LEU C 11 -24.07 -0.98 16.68
CA LEU C 11 -24.69 -1.93 15.77
C LEU C 11 -24.92 -3.22 16.52
N SER C 12 -26.16 -3.70 16.54
CA SER C 12 -26.54 -4.93 17.24
C SER C 12 -27.10 -5.91 16.22
N LEU C 13 -26.37 -7.00 16.01
CA LEU C 13 -26.74 -7.99 14.99
C LEU C 13 -26.47 -9.39 15.52
N SER C 14 -27.03 -10.37 14.83
CA SER C 14 -26.89 -11.77 15.15
C SER C 14 -25.78 -12.42 14.33
N PRO C 15 -25.10 -13.41 14.90
CA PRO C 15 -24.08 -14.13 14.13
C PRO C 15 -24.63 -14.65 12.81
N GLY C 16 -23.80 -14.57 11.77
CA GLY C 16 -24.19 -14.96 10.43
C GLY C 16 -24.81 -13.86 9.61
N GLU C 17 -25.18 -12.74 10.21
CA GLU C 17 -25.81 -11.65 9.47
C GLU C 17 -24.76 -10.73 8.86
N ARG C 18 -25.19 -9.96 7.88
CA ARG C 18 -24.31 -9.05 7.16
C ARG C 18 -24.33 -7.68 7.85
N ALA C 19 -23.16 -7.20 8.23
CA ALA C 19 -23.02 -5.92 8.91
C ALA C 19 -22.37 -4.92 7.96
N THR C 20 -22.99 -3.75 7.80
CA THR C 20 -22.45 -2.69 6.97
C THR C 20 -22.25 -1.46 7.84
N LEU C 21 -21.00 -1.00 7.91
CA LEU C 21 -20.63 0.15 8.74
C LEU C 21 -20.28 1.30 7.82
N SER C 22 -20.71 2.51 8.17
CA SER C 22 -20.56 3.67 7.31
C SER C 22 -19.50 4.61 7.85
N CYS C 23 -18.74 5.20 6.94
CA CYS C 23 -17.74 6.21 7.26
C CYS C 23 -17.82 7.27 6.19
N ARG C 24 -18.09 8.51 6.59
CA ARG C 24 -18.17 9.61 5.65
C ARG C 24 -17.07 10.62 5.95
N ALA C 25 -16.51 11.18 4.88
CA ALA C 25 -15.50 12.23 4.99
C ALA C 25 -16.16 13.58 4.79
N SER C 26 -15.76 14.56 5.60
CA SER C 26 -16.26 15.92 5.43
C SER C 26 -15.85 16.52 4.08
N GLN C 27 -15.02 15.81 3.32
CA GLN C 27 -14.28 16.37 2.20
C GLN C 27 -13.71 15.20 1.39
N SER C 28 -13.68 15.35 0.08
CA SER C 28 -13.31 14.22 -0.79
C SER C 28 -11.87 13.78 -0.57
N ILE C 29 -11.67 12.48 -0.34
CA ILE C 29 -10.34 11.98 0.01
C ILE C 29 -9.91 10.80 -0.88
N SER C 30 -10.47 10.73 -2.09
CA SER C 30 -10.17 9.63 -3.00
C SER C 30 -10.39 8.27 -2.34
N LYS C 31 -9.30 7.52 -2.15
CA LYS C 31 -9.36 6.22 -1.50
C LYS C 31 -8.30 6.06 -0.40
N THR C 32 -7.80 7.17 0.14
CA THR C 32 -6.77 7.12 1.18
C THR C 32 -7.45 6.97 2.54
N LEU C 33 -7.90 5.74 2.80
CA LEU C 33 -8.79 5.43 3.91
C LEU C 33 -8.42 4.06 4.45
N ALA C 34 -8.32 3.93 5.77
CA ALA C 34 -8.05 2.64 6.40
C ALA C 34 -9.14 2.31 7.41
N TRP C 35 -9.28 1.01 7.70
CA TRP C 35 -10.23 0.51 8.68
C TRP C 35 -9.51 -0.30 9.74
N TYR C 36 -9.99 -0.19 10.98
CA TYR C 36 -9.37 -0.87 12.11
C TYR C 36 -10.45 -1.49 12.98
N GLN C 37 -10.07 -2.56 13.69
CA GLN C 37 -10.92 -3.24 14.64
C GLN C 37 -10.25 -3.20 15.99
N GLN C 38 -10.93 -2.64 17.00
CA GLN C 38 -10.39 -2.57 18.35
C GLN C 38 -11.26 -3.36 19.30
N LYS C 39 -10.69 -4.42 19.86
CA LYS C 39 -11.34 -5.22 20.89
C LYS C 39 -11.04 -4.63 22.27
N PRO C 40 -11.86 -4.93 23.27
CA PRO C 40 -11.68 -4.30 24.59
C PRO C 40 -10.30 -4.58 25.17
N GLY C 41 -9.69 -3.52 25.71
CA GLY C 41 -8.38 -3.61 26.32
C GLY C 41 -7.22 -3.89 25.38
N GLN C 42 -7.48 -3.97 24.08
CA GLN C 42 -6.46 -4.28 23.09
C GLN C 42 -6.24 -3.10 22.15
N ALA C 43 -5.09 -3.09 21.50
CA ALA C 43 -4.80 -2.06 20.51
C ALA C 43 -5.64 -2.29 19.26
N PRO C 44 -5.85 -1.25 18.45
CA PRO C 44 -6.49 -1.46 17.15
C PRO C 44 -5.69 -2.40 16.27
N ARG C 45 -6.39 -3.02 15.32
CA ARG C 45 -5.81 -3.96 14.38
C ARG C 45 -6.23 -3.56 12.97
N LEU C 46 -5.26 -3.46 12.07
CA LEU C 46 -5.53 -3.05 10.70
C LEU C 46 -6.37 -4.10 9.97
N LEU C 47 -7.47 -3.66 9.36
CA LEU C 47 -8.30 -4.51 8.51
C LEU C 47 -8.12 -4.22 7.03
N ILE C 48 -8.24 -2.96 6.64
CA ILE C 48 -8.31 -2.55 5.26
C ILE C 48 -7.46 -1.29 5.10
N TYR C 49 -6.77 -1.17 3.98
CA TYR C 49 -6.16 0.09 3.57
C TYR C 49 -6.52 0.32 2.11
N SER C 50 -6.29 1.55 1.64
CA SER C 50 -6.72 1.97 0.30
C SER C 50 -8.21 1.74 0.08
N ALA C 51 -8.99 1.85 1.17
CA ALA C 51 -10.45 1.73 1.19
C ALA C 51 -10.94 0.30 0.97
N SER C 52 -10.27 -0.47 0.09
CA SER C 52 -10.75 -1.80 -0.25
C SER C 52 -9.69 -2.89 -0.21
N THR C 53 -8.42 -2.58 0.01
CA THR C 53 -7.36 -3.59 0.07
C THR C 53 -7.37 -4.22 1.46
N ARG C 54 -7.72 -5.50 1.54
CA ARG C 54 -7.73 -6.20 2.82
C ARG C 54 -6.31 -6.56 3.25
N ALA C 55 -5.97 -6.20 4.48
CA ALA C 55 -4.63 -6.43 4.99
C ALA C 55 -4.33 -7.92 5.08
N SER C 56 -3.04 -8.24 5.05
CA SER C 56 -2.61 -9.64 5.09
C SER C 56 -3.01 -10.27 6.42
N GLY C 57 -3.66 -11.43 6.34
CA GLY C 57 -4.08 -12.17 7.51
C GLY C 57 -5.46 -11.85 8.03
N VAL C 58 -6.14 -10.85 7.47
CA VAL C 58 -7.49 -10.50 7.90
C VAL C 58 -8.46 -11.48 7.24
N PRO C 59 -9.44 -12.01 7.99
CA PRO C 59 -10.41 -12.94 7.38
C PRO C 59 -11.15 -12.30 6.22
N ALA C 60 -11.54 -13.14 5.27
CA ALA C 60 -12.15 -12.65 4.03
C ALA C 60 -13.54 -12.07 4.24
N ARG C 61 -14.17 -12.33 5.38
CA ARG C 61 -15.51 -11.79 5.60
C ARG C 61 -15.50 -10.28 5.77
N PHE C 62 -14.35 -9.69 6.07
CA PHE C 62 -14.22 -8.24 6.15
C PHE C 62 -13.90 -7.69 4.76
N SER C 63 -14.62 -6.65 4.35
CA SER C 63 -14.30 -5.96 3.11
C SER C 63 -14.74 -4.51 3.21
N GLY C 64 -14.07 -3.65 2.45
CA GLY C 64 -14.40 -2.24 2.42
C GLY C 64 -14.64 -1.78 1.00
N SER C 65 -15.36 -0.68 0.88
CA SER C 65 -15.64 -0.09 -0.42
C SER C 65 -15.88 1.41 -0.23
N GLY C 66 -15.99 2.10 -1.35
CA GLY C 66 -16.28 3.52 -1.36
C GLY C 66 -15.12 4.34 -1.88
N SER C 67 -15.44 5.60 -2.15
CA SER C 67 -14.48 6.57 -2.66
C SER C 67 -15.00 7.95 -2.34
N GLY C 68 -14.16 8.97 -2.56
CA GLY C 68 -14.55 10.35 -2.33
C GLY C 68 -14.90 10.66 -0.90
N THR C 69 -16.19 10.67 -0.57
CA THR C 69 -16.64 11.00 0.78
C THR C 69 -17.46 9.89 1.44
N GLU C 70 -17.75 8.80 0.74
CA GLU C 70 -18.61 7.75 1.28
C GLU C 70 -17.86 6.43 1.29
N PHE C 71 -17.83 5.78 2.45
CA PHE C 71 -17.08 4.55 2.62
C PHE C 71 -17.86 3.59 3.50
N SER C 72 -17.65 2.30 3.26
CA SER C 72 -18.32 1.25 4.03
C SER C 72 -17.32 0.16 4.38
N LEU C 73 -17.52 -0.43 5.55
CA LEU C 73 -16.90 -1.70 5.92
C LEU C 73 -18.00 -2.73 6.04
N THR C 74 -17.81 -3.89 5.40
CA THR C 74 -18.80 -4.95 5.42
C THR C 74 -18.22 -6.19 6.06
N ILE C 75 -18.93 -6.75 7.03
CA ILE C 75 -18.67 -8.08 7.57
C ILE C 75 -19.75 -8.98 6.99
N SER C 76 -19.39 -9.77 5.96
CA SER C 76 -20.39 -10.50 5.19
C SER C 76 -21.13 -11.52 6.04
N SER C 77 -20.49 -12.08 7.05
CA SER C 77 -21.16 -13.01 7.95
C SER C 77 -20.59 -12.77 9.35
N LEU C 78 -21.33 -12.05 10.18
CA LEU C 78 -20.85 -11.65 11.50
C LEU C 78 -20.59 -12.86 12.38
N GLN C 79 -19.42 -12.90 12.99
CA GLN C 79 -19.08 -13.92 13.97
C GLN C 79 -19.13 -13.31 15.36
N SER C 80 -19.32 -14.19 16.36
CA SER C 80 -19.39 -13.70 17.73
C SER C 80 -18.07 -13.11 18.20
N GLU C 81 -16.95 -13.48 17.58
CA GLU C 81 -15.67 -12.87 17.90
C GLU C 81 -15.49 -11.50 17.24
N ASP C 82 -16.42 -11.07 16.40
CA ASP C 82 -16.32 -9.79 15.73
C ASP C 82 -16.81 -8.62 16.58
N PHE C 83 -17.21 -8.88 17.83
CA PHE C 83 -17.57 -7.81 18.75
C PHE C 83 -16.35 -6.90 18.99
N ALA C 84 -16.50 -5.63 18.64
CA ALA C 84 -15.40 -4.67 18.76
C ALA C 84 -15.93 -3.29 18.39
N VAL C 85 -15.09 -2.29 18.59
CA VAL C 85 -15.30 -0.97 18.02
C VAL C 85 -14.47 -0.89 16.74
N TYR C 86 -15.08 -0.43 15.65
CA TYR C 86 -14.43 -0.30 14.37
C TYR C 86 -14.24 1.16 14.02
N TYR C 87 -13.03 1.50 13.58
CA TYR C 87 -12.66 2.88 13.28
C TYR C 87 -12.24 2.99 11.83
N CYS C 88 -12.63 4.09 11.18
CA CYS C 88 -12.02 4.47 9.92
C CYS C 88 -11.00 5.59 10.14
N GLN C 89 -10.15 5.78 9.14
CA GLN C 89 -9.03 6.71 9.29
C GLN C 89 -8.61 7.17 7.91
N GLN C 90 -8.64 8.49 7.68
CA GLN C 90 -8.20 9.06 6.42
C GLN C 90 -6.76 9.52 6.54
N TYR C 91 -6.07 9.55 5.40
CA TYR C 91 -4.69 10.01 5.35
C TYR C 91 -4.41 10.68 4.00
N ASN C 92 -5.28 11.62 3.62
CA ASN C 92 -5.25 12.11 2.24
C ASN C 92 -4.11 13.11 2.00
N GLU C 93 -3.82 13.96 2.97
CA GLU C 93 -2.86 15.04 2.78
C GLU C 93 -1.44 14.58 3.12
N TRP C 94 -0.48 15.19 2.43
CA TRP C 94 0.93 14.98 2.73
C TRP C 94 1.62 16.33 2.83
N PRO C 95 2.40 16.60 3.91
CA PRO C 95 2.74 15.74 5.07
C PRO C 95 1.52 15.20 5.82
N PRO C 96 1.62 13.96 6.30
CA PRO C 96 0.46 13.29 6.90
C PRO C 96 -0.21 14.10 7.99
N ARG C 97 -1.54 14.18 7.93
CA ARG C 97 -2.37 14.76 8.98
C ARG C 97 -3.56 13.85 9.25
N PRO C 98 -3.31 12.59 9.61
CA PRO C 98 -4.42 11.62 9.69
C PRO C 98 -5.41 11.98 10.79
N THR C 99 -6.67 11.58 10.56
CA THR C 99 -7.72 11.67 11.57
C THR C 99 -8.57 10.41 11.51
N PHE C 100 -9.21 10.09 12.63
CA PHE C 100 -10.05 8.91 12.76
C PHE C 100 -11.52 9.33 12.89
N GLY C 101 -12.40 8.45 12.43
CA GLY C 101 -13.80 8.55 12.80
C GLY C 101 -13.99 8.22 14.27
N GLY C 102 -15.19 8.52 14.76
CA GLY C 102 -15.51 8.31 16.16
C GLY C 102 -15.79 6.88 16.56
N GLY C 103 -15.85 5.97 15.59
CA GLY C 103 -16.01 4.56 15.89
C GLY C 103 -17.44 4.08 15.84
N THR C 104 -17.63 2.83 15.43
CA THR C 104 -18.91 2.13 15.48
C THR C 104 -18.74 0.90 16.35
N LYS C 105 -19.58 0.78 17.38
CA LYS C 105 -19.54 -0.38 18.27
C LYS C 105 -20.45 -1.46 17.70
N VAL C 106 -19.90 -2.64 17.47
CA VAL C 106 -20.65 -3.78 16.95
C VAL C 106 -20.85 -4.76 18.10
N GLU C 107 -22.10 -4.91 18.52
CA GLU C 107 -22.47 -5.85 19.56
C GLU C 107 -23.24 -7.02 18.94
N ILE C 108 -23.18 -8.17 19.59
CA ILE C 108 -23.78 -9.39 19.05
C ILE C 108 -25.10 -9.66 19.76
N LYS C 109 -26.15 -9.85 19.00
CA LYS C 109 -27.43 -10.26 19.57
C LYS C 109 -27.39 -11.76 19.91
N ARG C 110 -28.05 -12.11 21.00
CA ARG C 110 -28.19 -13.51 21.39
C ARG C 110 -29.47 -13.65 22.22
N THR C 111 -29.78 -14.89 22.59
CA THR C 111 -30.98 -15.14 23.38
C THR C 111 -30.77 -14.71 24.82
N VAL C 112 -31.89 -14.42 25.48
CA VAL C 112 -31.88 -14.04 26.89
C VAL C 112 -31.19 -15.14 27.70
N ALA C 113 -30.39 -14.73 28.67
CA ALA C 113 -29.68 -15.66 29.54
C ALA C 113 -29.70 -15.10 30.97
N ALA C 114 -30.14 -15.91 31.90
CA ALA C 114 -30.24 -15.47 33.29
C ALA C 114 -28.86 -15.51 33.96
N PRO C 115 -28.57 -14.57 34.85
CA PRO C 115 -27.27 -14.57 35.52
C PRO C 115 -27.19 -15.62 36.60
N SER C 116 -26.00 -16.19 36.77
CA SER C 116 -25.68 -16.98 37.94
C SER C 116 -25.14 -16.02 39.00
N VAL C 117 -25.77 -16.03 40.17
CA VAL C 117 -25.45 -15.06 41.22
C VAL C 117 -24.59 -15.74 42.28
N PHE C 118 -23.56 -15.02 42.73
CA PHE C 118 -22.68 -15.46 43.79
C PHE C 118 -22.43 -14.29 44.72
N ILE C 119 -22.31 -14.57 46.01
CA ILE C 119 -22.02 -13.53 47.00
C ILE C 119 -20.74 -13.92 47.73
N PHE C 120 -19.87 -12.94 47.95
CA PHE C 120 -18.59 -13.13 48.61
C PHE C 120 -18.56 -12.31 49.89
N PRO C 121 -18.43 -12.93 51.06
CA PRO C 121 -18.30 -12.15 52.30
C PRO C 121 -16.97 -11.46 52.36
N PRO C 122 -16.78 -10.49 53.27
CA PRO C 122 -15.46 -9.87 53.39
C PRO C 122 -14.43 -10.89 53.86
N SER C 123 -13.22 -10.78 53.32
CA SER C 123 -12.15 -11.65 53.75
C SER C 123 -11.63 -11.23 55.12
N ASP C 124 -11.12 -12.21 55.88
CA ASP C 124 -10.64 -11.92 57.22
C ASP C 124 -9.38 -11.06 57.19
N GLU C 125 -8.62 -11.12 56.11
CA GLU C 125 -7.48 -10.21 55.96
C GLU C 125 -7.95 -8.76 55.85
N GLN C 126 -8.98 -8.51 55.04
CA GLN C 126 -9.50 -7.16 54.92
C GLN C 126 -10.05 -6.67 56.24
N LEU C 127 -10.75 -7.54 56.97
CA LEU C 127 -11.36 -7.14 58.24
C LEU C 127 -10.34 -6.78 59.29
N LYS C 128 -9.10 -7.28 59.18
CA LYS C 128 -8.04 -6.82 60.08
C LYS C 128 -7.83 -5.31 59.93
N SER C 129 -7.83 -4.81 58.70
CA SER C 129 -7.94 -3.38 58.48
C SER C 129 -9.38 -2.93 58.75
N GLY C 130 -9.59 -1.62 58.69
CA GLY C 130 -10.86 -1.10 59.16
C GLY C 130 -12.06 -1.24 58.23
N THR C 131 -11.95 -1.97 57.12
CA THR C 131 -12.98 -1.97 56.09
C THR C 131 -13.42 -3.39 55.77
N ALA C 132 -14.71 -3.53 55.46
CA ALA C 132 -15.29 -4.78 54.96
C ALA C 132 -15.93 -4.52 53.60
N SER C 133 -15.59 -5.34 52.62
CA SER C 133 -16.19 -5.26 51.29
C SER C 133 -16.93 -6.55 50.99
N VAL C 134 -18.19 -6.42 50.58
CA VAL C 134 -19.02 -7.55 50.18
C VAL C 134 -19.16 -7.50 48.66
N VAL C 135 -18.95 -8.63 48.00
CA VAL C 135 -18.91 -8.69 46.55
C VAL C 135 -20.05 -9.59 46.07
N CYS C 136 -20.83 -9.09 45.12
CA CYS C 136 -21.92 -9.84 44.49
C CYS C 136 -21.62 -9.97 43.01
N LEU C 137 -21.53 -11.21 42.53
CA LEU C 137 -21.15 -11.48 41.15
C LEU C 137 -22.34 -12.02 40.36
N LEU C 138 -22.59 -11.39 39.21
CA LEU C 138 -23.56 -11.87 38.22
C LEU C 138 -22.76 -12.16 36.96
N ASN C 139 -22.64 -13.43 36.60
CA ASN C 139 -21.84 -13.77 35.43
C ASN C 139 -22.67 -14.51 34.38
N ASN C 140 -22.38 -14.18 33.12
CA ASN C 140 -22.93 -14.85 31.94
C ASN C 140 -24.43 -14.61 31.77
N PHE C 141 -24.84 -13.35 31.72
CA PHE C 141 -26.22 -13.00 31.45
C PHE C 141 -26.33 -12.14 30.20
N TYR C 142 -27.54 -12.12 29.63
CA TYR C 142 -27.89 -11.31 28.47
C TYR C 142 -29.39 -11.04 28.50
N PRO C 143 -29.84 -9.80 28.23
CA PRO C 143 -29.06 -8.62 27.80
C PRO C 143 -28.32 -7.92 28.93
N ARG C 144 -27.73 -6.77 28.62
CA ARG C 144 -26.77 -6.14 29.53
C ARG C 144 -27.45 -5.50 30.74
N GLU C 145 -28.69 -5.05 30.58
CA GLU C 145 -29.38 -4.32 31.63
C GLU C 145 -29.76 -5.25 32.76
N ALA C 146 -29.21 -4.99 33.95
CA ALA C 146 -29.51 -5.75 35.15
C ALA C 146 -29.51 -4.78 36.33
N LYS C 147 -30.14 -5.20 37.42
CA LYS C 147 -30.19 -4.37 38.62
C LYS C 147 -29.89 -5.22 39.83
N VAL C 148 -28.90 -4.81 40.61
CA VAL C 148 -28.58 -5.43 41.89
C VAL C 148 -28.95 -4.43 42.98
N GLN C 149 -29.55 -4.94 44.06
CA GLN C 149 -29.95 -4.11 45.20
C GLN C 149 -29.36 -4.76 46.45
N TRP C 150 -28.58 -3.99 47.19
CA TRP C 150 -27.98 -4.49 48.42
C TRP C 150 -28.96 -4.30 49.57
N LYS C 151 -29.26 -5.39 50.27
CA LYS C 151 -30.17 -5.37 51.42
C LYS C 151 -29.41 -5.89 52.62
N VAL C 152 -29.06 -4.99 53.53
CA VAL C 152 -28.45 -5.34 54.81
C VAL C 152 -29.56 -5.32 55.85
N ASP C 153 -29.92 -6.50 56.36
CA ASP C 153 -31.01 -6.66 57.32
C ASP C 153 -32.32 -6.14 56.73
N ASN C 154 -32.69 -6.68 55.58
CA ASN C 154 -33.93 -6.35 54.87
C ASN C 154 -34.07 -4.86 54.61
N ALA C 155 -33.01 -4.09 54.89
CA ALA C 155 -33.00 -2.65 54.64
C ALA C 155 -32.20 -2.38 53.38
N LEU C 156 -32.85 -1.83 52.37
CA LEU C 156 -32.19 -1.53 51.11
C LEU C 156 -31.13 -0.44 51.30
N GLN C 157 -29.97 -0.65 50.70
CA GLN C 157 -28.84 0.25 50.87
C GLN C 157 -28.68 1.16 49.65
N SER C 158 -28.00 2.28 49.87
CA SER C 158 -27.78 3.26 48.82
C SER C 158 -26.53 4.07 49.15
N GLY C 159 -25.79 4.44 48.11
CA GLY C 159 -24.60 5.26 48.26
C GLY C 159 -23.38 4.53 48.79
N ASN C 160 -23.50 3.27 49.20
CA ASN C 160 -22.38 2.50 49.74
C ASN C 160 -21.98 1.36 48.82
N SER C 161 -22.32 1.43 47.53
CA SER C 161 -22.07 0.34 46.61
C SER C 161 -21.64 0.90 45.26
N GLN C 162 -20.80 0.13 44.58
CA GLN C 162 -20.38 0.44 43.22
C GLN C 162 -20.34 -0.83 42.40
N GLU C 163 -20.52 -0.69 41.09
CA GLU C 163 -20.56 -1.84 40.20
C GLU C 163 -19.94 -1.48 38.86
N SER C 164 -19.52 -2.52 38.14
CA SER C 164 -18.99 -2.37 36.80
C SER C 164 -19.31 -3.65 36.02
N VAL C 165 -19.32 -3.53 34.69
CA VAL C 165 -19.77 -4.60 33.81
C VAL C 165 -18.66 -4.91 32.81
N THR C 166 -18.42 -6.20 32.57
CA THR C 166 -17.49 -6.60 31.54
C THR C 166 -18.08 -6.33 30.16
N GLU C 167 -17.20 -6.27 29.17
CA GLU C 167 -17.65 -6.20 27.79
C GLU C 167 -18.15 -7.56 27.36
N GLN C 168 -18.78 -7.60 26.18
CA GLN C 168 -19.38 -8.85 25.70
C GLN C 168 -18.31 -9.92 25.53
N ASP C 169 -18.65 -11.14 25.92
CA ASP C 169 -17.71 -12.24 25.81
C ASP C 169 -17.60 -12.69 24.34
N SER C 170 -16.41 -13.17 23.98
CA SER C 170 -16.13 -13.46 22.57
C SER C 170 -16.85 -14.72 22.09
N LYS C 171 -17.13 -15.66 22.98
CA LYS C 171 -17.74 -16.93 22.57
C LYS C 171 -19.25 -16.95 22.77
N ASP C 172 -19.73 -16.65 23.97
CA ASP C 172 -21.16 -16.80 24.27
C ASP C 172 -21.92 -15.47 24.24
N SER C 173 -21.23 -14.34 24.06
CA SER C 173 -21.84 -13.02 23.91
C SER C 173 -22.57 -12.55 25.16
N THR C 174 -22.21 -13.08 26.33
CA THR C 174 -22.87 -12.67 27.56
C THR C 174 -22.07 -11.56 28.25
N TYR C 175 -22.66 -11.02 29.29
CA TYR C 175 -22.03 -10.04 30.14
C TYR C 175 -21.89 -10.59 31.55
N SER C 176 -20.95 -10.01 32.30
CA SER C 176 -20.83 -10.25 33.72
C SER C 176 -20.80 -8.92 34.44
N LEU C 177 -21.32 -8.92 35.67
CA LEU C 177 -21.39 -7.73 36.50
C LEU C 177 -20.82 -8.04 37.87
N SER C 178 -20.09 -7.08 38.43
CA SER C 178 -19.56 -7.18 39.77
C SER C 178 -19.97 -5.96 40.57
N SER C 179 -20.51 -6.17 41.76
CA SER C 179 -20.91 -5.09 42.65
C SER C 179 -20.23 -5.27 44.00
N THR C 180 -19.81 -4.16 44.61
CA THR C 180 -19.12 -4.17 45.88
C THR C 180 -19.89 -3.32 46.88
N LEU C 181 -20.31 -3.94 47.99
CA LEU C 181 -20.89 -3.26 49.13
C LEU C 181 -19.78 -3.04 50.15
N THR C 182 -19.43 -1.77 50.41
CA THR C 182 -18.31 -1.43 51.26
C THR C 182 -18.83 -0.71 52.51
N LEU C 183 -18.66 -1.36 53.66
CA LEU C 183 -18.96 -0.77 54.96
C LEU C 183 -17.68 -0.65 55.78
N SER C 184 -17.77 0.09 56.87
CA SER C 184 -16.70 0.08 57.85
C SER C 184 -16.68 -1.26 58.57
N LYS C 185 -15.53 -1.57 59.19
CA LYS C 185 -15.47 -2.75 60.04
C LYS C 185 -16.52 -2.68 61.15
N ALA C 186 -16.70 -1.50 61.75
CA ALA C 186 -17.66 -1.36 62.83
C ALA C 186 -19.10 -1.57 62.35
N ASP C 187 -19.48 -0.90 61.26
CA ASP C 187 -20.84 -1.04 60.75
C ASP C 187 -21.13 -2.48 60.33
N TYR C 188 -20.12 -3.21 59.82
CA TYR C 188 -20.36 -4.54 59.31
C TYR C 188 -20.68 -5.53 60.43
N GLU C 189 -19.96 -5.44 61.55
CA GLU C 189 -20.17 -6.37 62.66
C GLU C 189 -21.40 -6.02 63.49
N LYS C 190 -22.10 -4.93 63.17
CA LYS C 190 -23.35 -4.61 63.87
C LYS C 190 -24.52 -5.43 63.35
N HIS C 191 -24.50 -5.81 62.07
CA HIS C 191 -25.57 -6.56 61.42
C HIS C 191 -25.09 -7.97 61.08
N LYS C 192 -26.03 -8.83 60.69
CA LYS C 192 -25.72 -10.23 60.43
C LYS C 192 -26.03 -10.64 59.00
N VAL C 193 -27.24 -10.38 58.49
CA VAL C 193 -27.63 -10.87 57.17
C VAL C 193 -27.22 -9.84 56.11
N TYR C 194 -26.62 -10.34 55.04
CA TYR C 194 -26.14 -9.52 53.93
C TYR C 194 -26.57 -10.18 52.64
N ALA C 195 -27.33 -9.46 51.81
CA ALA C 195 -27.96 -10.03 50.64
C ALA C 195 -27.83 -9.07 49.47
N CYS C 196 -27.66 -9.62 48.27
CA CYS C 196 -27.82 -8.86 47.05
C CYS C 196 -29.00 -9.45 46.28
N GLU C 197 -29.97 -8.61 45.96
CA GLU C 197 -31.13 -9.00 45.18
C GLU C 197 -30.92 -8.58 43.74
N VAL C 198 -31.15 -9.51 42.82
CA VAL C 198 -30.85 -9.31 41.40
C VAL C 198 -32.13 -9.45 40.62
N THR C 199 -32.41 -8.45 39.78
CA THR C 199 -33.54 -8.49 38.87
C THR C 199 -33.02 -8.52 37.44
N HIS C 200 -33.58 -9.42 36.63
CA HIS C 200 -33.16 -9.55 35.23
C HIS C 200 -34.31 -10.16 34.43
N GLN C 201 -34.35 -9.83 33.14
CA GLN C 201 -35.40 -10.34 32.26
C GLN C 201 -35.48 -11.86 32.31
N GLY C 202 -34.33 -12.53 32.37
CA GLY C 202 -34.32 -13.97 32.44
C GLY C 202 -34.69 -14.57 33.78
N LEU C 203 -34.76 -13.74 34.83
CA LEU C 203 -35.14 -14.22 36.15
C LEU C 203 -36.66 -14.16 36.28
N SER C 204 -37.27 -15.31 36.54
CA SER C 204 -38.73 -15.35 36.73
C SER C 204 -39.14 -14.48 37.91
N SER C 205 -38.45 -14.64 39.03
CA SER C 205 -38.57 -13.76 40.18
C SER C 205 -37.19 -13.34 40.64
N PRO C 206 -37.06 -12.16 41.24
CA PRO C 206 -35.74 -11.72 41.73
C PRO C 206 -35.11 -12.76 42.64
N VAL C 207 -33.85 -13.09 42.37
CA VAL C 207 -33.08 -14.05 43.15
C VAL C 207 -32.21 -13.27 44.12
N THR C 208 -32.03 -13.86 45.31
CA THR C 208 -31.32 -13.19 46.40
C THR C 208 -30.35 -14.19 47.02
N LYS C 209 -29.05 -13.97 46.83
CA LYS C 209 -28.04 -14.72 47.55
C LYS C 209 -27.65 -13.94 48.80
N SER C 210 -27.47 -14.65 49.91
CA SER C 210 -27.26 -13.99 51.18
C SER C 210 -26.46 -14.89 52.11
N PHE C 211 -25.98 -14.28 53.20
CA PHE C 211 -25.24 -14.98 54.23
C PHE C 211 -25.39 -14.23 55.55
N ASN C 212 -25.04 -14.91 56.63
CA ASN C 212 -24.94 -14.31 57.95
C ASN C 212 -23.52 -14.45 58.47
N ARG C 213 -23.00 -13.38 59.08
CA ARG C 213 -21.67 -13.44 59.69
C ARG C 213 -21.59 -14.59 60.68
N GLY C 214 -20.63 -15.48 60.46
CA GLY C 214 -20.47 -16.65 61.30
C GLY C 214 -20.83 -17.94 60.60
#